data_6HBX
# 
_entry.id   6HBX 
# 
_audit_conform.dict_name       mmcif_pdbx.dic 
_audit_conform.dict_version    5.392 
_audit_conform.dict_location   http://mmcif.pdb.org/dictionaries/ascii/mmcif_pdbx.dic 
# 
loop_
_database_2.database_id 
_database_2.database_code 
_database_2.pdbx_database_accession 
_database_2.pdbx_DOI 
PDB   6HBX         pdb_00006hbx 10.2210/pdb6hbx/pdb 
WWPDB D_1200011449 ?            ?                   
# 
loop_
_pdbx_audit_revision_history.ordinal 
_pdbx_audit_revision_history.data_content_type 
_pdbx_audit_revision_history.major_revision 
_pdbx_audit_revision_history.minor_revision 
_pdbx_audit_revision_history.revision_date 
1 'Structure model' 1 0 2019-02-20 
2 'Structure model' 1 1 2019-03-27 
3 'Structure model' 1 2 2024-05-15 
# 
_pdbx_audit_revision_details.ordinal             1 
_pdbx_audit_revision_details.revision_ordinal    1 
_pdbx_audit_revision_details.data_content_type   'Structure model' 
_pdbx_audit_revision_details.provider            repository 
_pdbx_audit_revision_details.type                'Initial release' 
_pdbx_audit_revision_details.description         ? 
_pdbx_audit_revision_details.details             ? 
# 
loop_
_pdbx_audit_revision_group.ordinal 
_pdbx_audit_revision_group.revision_ordinal 
_pdbx_audit_revision_group.data_content_type 
_pdbx_audit_revision_group.group 
1 2 'Structure model' 'Data collection'     
2 2 'Structure model' 'Database references' 
3 3 'Structure model' 'Data collection'     
4 3 'Structure model' 'Database references' 
# 
loop_
_pdbx_audit_revision_category.ordinal 
_pdbx_audit_revision_category.revision_ordinal 
_pdbx_audit_revision_category.data_content_type 
_pdbx_audit_revision_category.category 
1 2 'Structure model' citation           
2 2 'Structure model' citation_author    
3 2 'Structure model' pdbx_database_proc 
4 3 'Structure model' chem_comp_atom     
5 3 'Structure model' chem_comp_bond     
6 3 'Structure model' database_2         
# 
loop_
_pdbx_audit_revision_item.ordinal 
_pdbx_audit_revision_item.revision_ordinal 
_pdbx_audit_revision_item.data_content_type 
_pdbx_audit_revision_item.item 
1 2 'Structure model' '_citation.journal_abbrev'            
2 2 'Structure model' '_citation.journal_volume'            
3 2 'Structure model' '_citation.page_first'                
4 2 'Structure model' '_citation.page_last'                 
5 2 'Structure model' '_citation.title'                     
6 2 'Structure model' '_citation_author.identifier_ORCID'   
7 3 'Structure model' '_database_2.pdbx_DOI'                
8 3 'Structure model' '_database_2.pdbx_database_accession' 
# 
_pdbx_database_status.status_code                     REL 
_pdbx_database_status.status_code_sf                  REL 
_pdbx_database_status.status_code_mr                  ? 
_pdbx_database_status.entry_id                        6HBX 
_pdbx_database_status.recvd_initial_deposition_date   2018-08-13 
_pdbx_database_status.SG_entry                        N 
_pdbx_database_status.deposit_site                    PDBE 
_pdbx_database_status.process_site                    PDBE 
_pdbx_database_status.status_code_cs                  ? 
_pdbx_database_status.methods_development_category    ? 
_pdbx_database_status.pdb_format_compatible           Y 
_pdbx_database_status.status_code_nmr_data            ? 
# 
loop_
_audit_author.name 
_audit_author.pdbx_ordinal 
_audit_author.identifier_ORCID 
'Huang, L.'      1 ? 
'Lilley, D.M.J.' 2 ? 
# 
_citation.abstract                  ? 
_citation.abstract_id_CAS           ? 
_citation.book_id_ISBN              ? 
_citation.book_publisher            ? 
_citation.book_publisher_city       ? 
_citation.book_title                ? 
_citation.coordinate_linkage        ? 
_citation.country                   UK 
_citation.database_id_Medline       ? 
_citation.details                   ? 
_citation.id                        primary 
_citation.journal_abbrev            Rna 
_citation.journal_id_ASTM           RNARFU 
_citation.journal_id_CSD            2122 
_citation.journal_id_ISSN           1469-9001 
_citation.journal_full              ? 
_citation.journal_issue             ? 
_citation.journal_volume            25 
_citation.language                  ? 
_citation.page_first                423 
_citation.page_last                 430 
_citation.title                     'Structure-guided design of a high-affinity ligand for a riboswitch.' 
_citation.year                      2019 
_citation.database_id_CSD           ? 
_citation.pdbx_database_id_DOI      10.1261/rna.069567.118 
_citation.pdbx_database_id_PubMed   30609994 
_citation.unpublished_flag          ? 
# 
loop_
_citation_author.citation_id 
_citation_author.name 
_citation_author.ordinal 
_citation_author.identifier_ORCID 
primary 'Huang, L.'      1 ? 
primary 'Wang, J.'       2 ? 
primary 'Wilson, T.J.'   3 ? 
primary 'Lilley, D.M.J.' 4 ? 
# 
loop_
_entity.id 
_entity.type 
_entity.src_method 
_entity.pdbx_description 
_entity.formula_weight 
_entity.pdbx_number_of_molecules 
_entity.pdbx_ec 
_entity.pdbx_mutation 
_entity.pdbx_fragment 
_entity.details 
1 polymer     syn 
;RNA (5'-R(*GP*GP*UP*GP*GP*GP*GP*AP*CP*GP*AP*CP*CP*CP*CP*AP*(CBV)P*C)-3')
;
5880.434 1  ? ? ? ? 
2 non-polymer syn N-ETHYLGUANIDINE                                                           87.124   1  ? ? ? ? 
3 non-polymer syn 'SULFATE ION'                                                              96.063   1  ? ? ? ? 
4 non-polymer syn 'SODIUM ION'                                                               22.990   2  ? ? ? ? 
5 water       nat water                                                                      18.015   51 ? ? ? ? 
# 
_entity_poly.entity_id                      1 
_entity_poly.type                           polyribonucleotide 
_entity_poly.nstd_linkage                   no 
_entity_poly.nstd_monomer                   yes 
_entity_poly.pdbx_seq_one_letter_code       'GGUGGGGACGACCCCA(CBV)C' 
_entity_poly.pdbx_seq_one_letter_code_can   GGUGGGGACGACCCCACC 
_entity_poly.pdbx_strand_id                 A 
_entity_poly.pdbx_target_identifier         ? 
# 
loop_
_pdbx_entity_nonpoly.entity_id 
_pdbx_entity_nonpoly.name 
_pdbx_entity_nonpoly.comp_id 
2 N-ETHYLGUANIDINE EGD 
3 'SULFATE ION'    SO4 
4 'SODIUM ION'     NA  
5 water            HOH 
# 
loop_
_entity_poly_seq.entity_id 
_entity_poly_seq.num 
_entity_poly_seq.mon_id 
_entity_poly_seq.hetero 
1 1  G   n 
1 2  G   n 
1 3  U   n 
1 4  G   n 
1 5  G   n 
1 6  G   n 
1 7  G   n 
1 8  A   n 
1 9  C   n 
1 10 G   n 
1 11 A   n 
1 12 C   n 
1 13 C   n 
1 14 C   n 
1 15 C   n 
1 16 A   n 
1 17 CBV n 
1 18 C   n 
# 
_pdbx_entity_src_syn.entity_id              1 
_pdbx_entity_src_syn.pdbx_src_id            1 
_pdbx_entity_src_syn.pdbx_alt_source_flag   sample 
_pdbx_entity_src_syn.pdbx_beg_seq_num       1 
_pdbx_entity_src_syn.pdbx_end_seq_num       18 
_pdbx_entity_src_syn.organism_scientific    'Gloeobacter violaceus' 
_pdbx_entity_src_syn.organism_common_name   ? 
_pdbx_entity_src_syn.ncbi_taxonomy_id       33072 
_pdbx_entity_src_syn.details                ? 
# 
loop_
_chem_comp.id 
_chem_comp.type 
_chem_comp.mon_nstd_flag 
_chem_comp.name 
_chem_comp.pdbx_synonyms 
_chem_comp.formula 
_chem_comp.formula_weight 
A   'RNA linking' y "ADENOSINE-5'-MONOPHOSPHATE"                ? 'C10 H14 N5 O7 P'   347.221 
C   'RNA linking' y "CYTIDINE-5'-MONOPHOSPHATE"                 ? 'C9 H14 N3 O8 P'    323.197 
CBV 'RNA linking' n 
;5-BROMOCYTIDINE 5'-(DIHYDROGEN PHOSPHATE)
;
? 'C9 H13 Br N3 O8 P' 402.093 
EGD non-polymer   . N-ETHYLGUANIDINE                            ? 'C3 H9 N3'          87.124  
G   'RNA linking' y "GUANOSINE-5'-MONOPHOSPHATE"                ? 'C10 H14 N5 O8 P'   363.221 
HOH non-polymer   . WATER                                       ? 'H2 O'              18.015  
NA  non-polymer   . 'SODIUM ION'                                ? 'Na 1'              22.990  
SO4 non-polymer   . 'SULFATE ION'                               ? 'O4 S -2'           96.063  
U   'RNA linking' y "URIDINE-5'-MONOPHOSPHATE"                  ? 'C9 H13 N2 O9 P'    324.181 
# 
loop_
_pdbx_poly_seq_scheme.asym_id 
_pdbx_poly_seq_scheme.entity_id 
_pdbx_poly_seq_scheme.seq_id 
_pdbx_poly_seq_scheme.mon_id 
_pdbx_poly_seq_scheme.ndb_seq_num 
_pdbx_poly_seq_scheme.pdb_seq_num 
_pdbx_poly_seq_scheme.auth_seq_num 
_pdbx_poly_seq_scheme.pdb_mon_id 
_pdbx_poly_seq_scheme.auth_mon_id 
_pdbx_poly_seq_scheme.pdb_strand_id 
_pdbx_poly_seq_scheme.pdb_ins_code 
_pdbx_poly_seq_scheme.hetero 
A 1 1  G   1  1  1  G   G   A . n 
A 1 2  G   2  2  2  G   G   A . n 
A 1 3  U   3  3  3  U   U   A . n 
A 1 4  G   4  4  4  G   G   A . n 
A 1 5  G   5  5  5  G   G   A . n 
A 1 6  G   6  6  6  G   G   A . n 
A 1 7  G   7  7  7  G   G   A . n 
A 1 8  A   8  8  8  A   A   A . n 
A 1 9  C   9  9  9  C   C   A . n 
A 1 10 G   10 10 10 G   G   A . n 
A 1 11 A   11 11 11 A   A   A . n 
A 1 12 C   12 12 12 C   C   A . n 
A 1 13 C   13 13 13 C   C   A . n 
A 1 14 C   14 14 14 C   C   A . n 
A 1 15 C   15 15 15 C   C   A . n 
A 1 16 A   16 16 16 A   A   A . n 
A 1 17 CBV 17 17 17 CBV CBV A . n 
A 1 18 C   18 18 18 C   C   A . n 
# 
loop_
_pdbx_nonpoly_scheme.asym_id 
_pdbx_nonpoly_scheme.entity_id 
_pdbx_nonpoly_scheme.mon_id 
_pdbx_nonpoly_scheme.ndb_seq_num 
_pdbx_nonpoly_scheme.pdb_seq_num 
_pdbx_nonpoly_scheme.auth_seq_num 
_pdbx_nonpoly_scheme.pdb_mon_id 
_pdbx_nonpoly_scheme.auth_mon_id 
_pdbx_nonpoly_scheme.pdb_strand_id 
_pdbx_nonpoly_scheme.pdb_ins_code 
B 2 EGD 1  101 1  EGD EGD A . 
C 3 SO4 1  102 1  SO4 SO4 A . 
D 4 NA  1  103 1  NA  NA  A . 
E 4 NA  1  104 2  NA  NA  A . 
F 5 HOH 1  201 9  HOH HOH A . 
F 5 HOH 2  202 31 HOH HOH A . 
F 5 HOH 3  203 4  HOH HOH A . 
F 5 HOH 4  204 14 HOH HOH A . 
F 5 HOH 5  205 1  HOH HOH A . 
F 5 HOH 6  206 6  HOH HOH A . 
F 5 HOH 7  207 2  HOH HOH A . 
F 5 HOH 8  208 10 HOH HOH A . 
F 5 HOH 9  209 52 HOH HOH A . 
F 5 HOH 10 210 19 HOH HOH A . 
F 5 HOH 11 211 12 HOH HOH A . 
F 5 HOH 12 212 5  HOH HOH A . 
F 5 HOH 13 213 26 HOH HOH A . 
F 5 HOH 14 214 35 HOH HOH A . 
F 5 HOH 15 215 3  HOH HOH A . 
F 5 HOH 16 216 48 HOH HOH A . 
F 5 HOH 17 217 8  HOH HOH A . 
F 5 HOH 18 218 17 HOH HOH A . 
F 5 HOH 19 219 41 HOH HOH A . 
F 5 HOH 20 220 47 HOH HOH A . 
F 5 HOH 21 221 45 HOH HOH A . 
F 5 HOH 22 222 34 HOH HOH A . 
F 5 HOH 23 223 39 HOH HOH A . 
F 5 HOH 24 224 22 HOH HOH A . 
F 5 HOH 25 225 7  HOH HOH A . 
F 5 HOH 26 226 27 HOH HOH A . 
F 5 HOH 27 227 44 HOH HOH A . 
F 5 HOH 28 228 30 HOH HOH A . 
F 5 HOH 29 229 51 HOH HOH A . 
F 5 HOH 30 230 37 HOH HOH A . 
F 5 HOH 31 231 21 HOH HOH A . 
F 5 HOH 32 232 15 HOH HOH A . 
F 5 HOH 33 233 36 HOH HOH A . 
F 5 HOH 34 234 13 HOH HOH A . 
F 5 HOH 35 235 50 HOH HOH A . 
F 5 HOH 36 236 42 HOH HOH A . 
F 5 HOH 37 237 24 HOH HOH A . 
F 5 HOH 38 238 29 HOH HOH A . 
F 5 HOH 39 239 16 HOH HOH A . 
F 5 HOH 40 240 20 HOH HOH A . 
F 5 HOH 41 241 33 HOH HOH A . 
F 5 HOH 42 242 11 HOH HOH A . 
F 5 HOH 43 243 46 HOH HOH A . 
F 5 HOH 44 244 18 HOH HOH A . 
F 5 HOH 45 245 32 HOH HOH A . 
F 5 HOH 46 246 49 HOH HOH A . 
F 5 HOH 47 247 43 HOH HOH A . 
F 5 HOH 48 248 23 HOH HOH A . 
F 5 HOH 49 249 25 HOH HOH A . 
F 5 HOH 50 250 28 HOH HOH A . 
F 5 HOH 51 251 40 HOH HOH A . 
# 
loop_
_software.citation_id 
_software.classification 
_software.compiler_name 
_software.compiler_version 
_software.contact_author 
_software.contact_author_email 
_software.date 
_software.description 
_software.dependencies 
_software.hardware 
_software.language 
_software.location 
_software.mods 
_software.name 
_software.os 
_software.os_version 
_software.type 
_software.version 
_software.pdbx_ordinal 
? refinement       ? ? ? ? ? ? ? ? ? ? ? PHENIX ? ? ? '(1.14_3228: ???)' 1 
? 'data reduction' ? ? ? ? ? ? ? ? ? ? ? xia2   ? ? ? .                  2 
? 'data scaling'   ? ? ? ? ? ? ? ? ? ? ? xia2   ? ? ? .                  3 
? phasing          ? ? ? ? ? ? ? ? ? ? ? PHENIX ? ? ? .                  4 
# 
_cell.angle_alpha                  90.00 
_cell.angle_alpha_esd              ? 
_cell.angle_beta                   90.00 
_cell.angle_beta_esd               ? 
_cell.angle_gamma                  120.00 
_cell.angle_gamma_esd              ? 
_cell.entry_id                     6HBX 
_cell.details                      ? 
_cell.formula_units_Z              ? 
_cell.length_a                     56.070 
_cell.length_a_esd                 ? 
_cell.length_b                     56.070 
_cell.length_b_esd                 ? 
_cell.length_c                     134.800 
_cell.length_c_esd                 ? 
_cell.volume                       ? 
_cell.volume_esd                   ? 
_cell.Z_PDB                        18 
_cell.reciprocal_angle_alpha       ? 
_cell.reciprocal_angle_beta        ? 
_cell.reciprocal_angle_gamma       ? 
_cell.reciprocal_angle_alpha_esd   ? 
_cell.reciprocal_angle_beta_esd    ? 
_cell.reciprocal_angle_gamma_esd   ? 
_cell.reciprocal_length_a          ? 
_cell.reciprocal_length_b          ? 
_cell.reciprocal_length_c          ? 
_cell.reciprocal_length_a_esd      ? 
_cell.reciprocal_length_b_esd      ? 
_cell.reciprocal_length_c_esd      ? 
_cell.pdbx_unique_axis             ? 
# 
_symmetry.entry_id                         6HBX 
_symmetry.cell_setting                     ? 
_symmetry.Int_Tables_number                155 
_symmetry.space_group_name_Hall            ? 
_symmetry.space_group_name_H-M             'H 3 2' 
_symmetry.pdbx_full_space_group_name_H-M   ? 
# 
_exptl.absorpt_coefficient_mu     ? 
_exptl.absorpt_correction_T_max   ? 
_exptl.absorpt_correction_T_min   ? 
_exptl.absorpt_correction_type    ? 
_exptl.absorpt_process_details    ? 
_exptl.entry_id                   6HBX 
_exptl.crystals_number            1 
_exptl.details                    ? 
_exptl.method                     'X-RAY DIFFRACTION' 
_exptl.method_details             ? 
# 
_exptl_crystal.colour                      ? 
_exptl_crystal.density_diffrn              ? 
_exptl_crystal.density_Matthews            2.26 
_exptl_crystal.density_method              ? 
_exptl_crystal.density_percent_sol         45.5 
_exptl_crystal.description                 ? 
_exptl_crystal.F_000                       ? 
_exptl_crystal.id                          1 
_exptl_crystal.preparation                 ? 
_exptl_crystal.size_max                    ? 
_exptl_crystal.size_mid                    ? 
_exptl_crystal.size_min                    ? 
_exptl_crystal.size_rad                    ? 
_exptl_crystal.colour_lustre               ? 
_exptl_crystal.colour_modifier             ? 
_exptl_crystal.colour_primary              ? 
_exptl_crystal.density_meas                ? 
_exptl_crystal.density_meas_esd            ? 
_exptl_crystal.density_meas_gt             ? 
_exptl_crystal.density_meas_lt             ? 
_exptl_crystal.density_meas_temp           ? 
_exptl_crystal.density_meas_temp_esd       ? 
_exptl_crystal.density_meas_temp_gt        ? 
_exptl_crystal.density_meas_temp_lt        ? 
_exptl_crystal.pdbx_crystal_image_url      ? 
_exptl_crystal.pdbx_crystal_image_format   ? 
_exptl_crystal.pdbx_mosaicity              ? 
_exptl_crystal.pdbx_mosaicity_esd          ? 
# 
_exptl_crystal_grow.apparatus       ? 
_exptl_crystal_grow.atmosphere      ? 
_exptl_crystal_grow.crystal_id      1 
_exptl_crystal_grow.details         ? 
_exptl_crystal_grow.method          'VAPOR DIFFUSION, HANGING DROP' 
_exptl_crystal_grow.method_ref      ? 
_exptl_crystal_grow.pH              5.6 
_exptl_crystal_grow.pressure        ? 
_exptl_crystal_grow.pressure_esd    ? 
_exptl_crystal_grow.seeding         ? 
_exptl_crystal_grow.seeding_ref     ? 
_exptl_crystal_grow.temp            293 
_exptl_crystal_grow.temp_details    ? 
_exptl_crystal_grow.temp_esd        ? 
_exptl_crystal_grow.time            ? 
_exptl_crystal_grow.pdbx_details    
;0.01 M Magnesium Acetate, 
0.05 M MES pH 5.6,  
2.5 M Ammonium Sulfate
;
_exptl_crystal_grow.pdbx_pH_range   ? 
# 
_diffrn.ambient_environment              ? 
_diffrn.ambient_temp                     100 
_diffrn.ambient_temp_details             ? 
_diffrn.ambient_temp_esd                 ? 
_diffrn.crystal_id                       1 
_diffrn.crystal_support                  ? 
_diffrn.crystal_treatment                ? 
_diffrn.details                          ? 
_diffrn.id                               1 
_diffrn.ambient_pressure                 ? 
_diffrn.ambient_pressure_esd             ? 
_diffrn.ambient_pressure_gt              ? 
_diffrn.ambient_pressure_lt              ? 
_diffrn.ambient_temp_gt                  ? 
_diffrn.ambient_temp_lt                  ? 
_diffrn.pdbx_serial_crystal_experiment   ? 
# 
_diffrn_detector.details                      ? 
_diffrn_detector.detector                     PIXEL 
_diffrn_detector.diffrn_id                    1 
_diffrn_detector.type                         'DECTRIS PILATUS 6M-F' 
_diffrn_detector.area_resol_mean              ? 
_diffrn_detector.dtime                        ? 
_diffrn_detector.pdbx_frames_total            ? 
_diffrn_detector.pdbx_collection_time_total   ? 
_diffrn_detector.pdbx_collection_date         2017-10-05 
_diffrn_detector.pdbx_frequency               ? 
# 
_diffrn_radiation.collimation                      ? 
_diffrn_radiation.diffrn_id                        1 
_diffrn_radiation.filter_edge                      ? 
_diffrn_radiation.inhomogeneity                    ? 
_diffrn_radiation.monochromator                    ? 
_diffrn_radiation.polarisn_norm                    ? 
_diffrn_radiation.polarisn_ratio                   ? 
_diffrn_radiation.probe                            ? 
_diffrn_radiation.type                             ? 
_diffrn_radiation.xray_symbol                      ? 
_diffrn_radiation.wavelength_id                    1 
_diffrn_radiation.pdbx_monochromatic_or_laue_m_l   M 
_diffrn_radiation.pdbx_wavelength_list             ? 
_diffrn_radiation.pdbx_wavelength                  ? 
_diffrn_radiation.pdbx_diffrn_protocol             'SINGLE WAVELENGTH' 
_diffrn_radiation.pdbx_analyzer                    ? 
_diffrn_radiation.pdbx_scattering_type             x-ray 
# 
_diffrn_radiation_wavelength.id           1 
_diffrn_radiation_wavelength.wavelength   0.9197 
_diffrn_radiation_wavelength.wt           1.0 
# 
_diffrn_source.current                     ? 
_diffrn_source.details                     ? 
_diffrn_source.diffrn_id                   1 
_diffrn_source.power                       ? 
_diffrn_source.size                        ? 
_diffrn_source.source                      SYNCHROTRON 
_diffrn_source.target                      ? 
_diffrn_source.type                        'DIAMOND BEAMLINE I04' 
_diffrn_source.voltage                     ? 
_diffrn_source.take-off_angle              ? 
_diffrn_source.pdbx_wavelength_list        0.9197 
_diffrn_source.pdbx_wavelength             ? 
_diffrn_source.pdbx_synchrotron_beamline   I04 
_diffrn_source.pdbx_synchrotron_site       Diamond 
# 
_reflns.B_iso_Wilson_estimate            ? 
_reflns.entry_id                         6HBX 
_reflns.data_reduction_details           ? 
_reflns.data_reduction_method            ? 
_reflns.d_resolution_high                1.54 
_reflns.d_resolution_low                 28.035 
_reflns.details                          ? 
_reflns.limit_h_max                      ? 
_reflns.limit_h_min                      ? 
_reflns.limit_k_max                      ? 
_reflns.limit_k_min                      ? 
_reflns.limit_l_max                      ? 
_reflns.limit_l_min                      ? 
_reflns.number_all                       ? 
_reflns.number_obs                       22399 
_reflns.observed_criterion               ? 
_reflns.observed_criterion_F_max         ? 
_reflns.observed_criterion_F_min         ? 
_reflns.observed_criterion_I_max         ? 
_reflns.observed_criterion_I_min         ? 
_reflns.observed_criterion_sigma_F       ? 
_reflns.observed_criterion_sigma_I       ? 
_reflns.percent_possible_obs             97.67 
_reflns.R_free_details                   ? 
_reflns.Rmerge_F_all                     ? 
_reflns.Rmerge_F_obs                     ? 
_reflns.Friedel_coverage                 ? 
_reflns.number_gt                        ? 
_reflns.threshold_expression             ? 
_reflns.pdbx_redundancy                  4.9 
_reflns.pdbx_Rmerge_I_obs                0.053 
_reflns.pdbx_Rmerge_I_all                ? 
_reflns.pdbx_Rsym_value                  ? 
_reflns.pdbx_netI_over_av_sigmaI         ? 
_reflns.pdbx_netI_over_sigmaI            17.3 
_reflns.pdbx_res_netI_over_av_sigmaI_2   ? 
_reflns.pdbx_res_netI_over_sigmaI_2      ? 
_reflns.pdbx_chi_squared                 ? 
_reflns.pdbx_scaling_rejects             ? 
_reflns.pdbx_d_res_high_opt              ? 
_reflns.pdbx_d_res_low_opt               ? 
_reflns.pdbx_d_res_opt_method            ? 
_reflns.phase_calculation_details        ? 
_reflns.pdbx_Rrim_I_all                  ? 
_reflns.pdbx_Rpim_I_all                  0.026 
_reflns.pdbx_d_opt                       ? 
_reflns.pdbx_number_measured_all         ? 
_reflns.pdbx_diffrn_id                   1 
_reflns.pdbx_ordinal                     1 
_reflns.pdbx_CC_half                     1.00 
_reflns.pdbx_R_split                     ? 
# 
_reflns_shell.d_res_high                  1.54 
_reflns_shell.d_res_low                   1.57 
_reflns_shell.meanI_over_sigI_all         ? 
_reflns_shell.meanI_over_sigI_obs         ? 
_reflns_shell.number_measured_all         ? 
_reflns_shell.number_measured_obs         ? 
_reflns_shell.number_possible             ? 
_reflns_shell.number_unique_all           ? 
_reflns_shell.number_unique_obs           584 
_reflns_shell.percent_possible_all        96.5 
_reflns_shell.percent_possible_obs        ? 
_reflns_shell.Rmerge_F_all                ? 
_reflns_shell.Rmerge_F_obs                ? 
_reflns_shell.Rmerge_I_all                ? 
_reflns_shell.Rmerge_I_obs                1.436 
_reflns_shell.meanI_over_sigI_gt          ? 
_reflns_shell.meanI_over_uI_all           ? 
_reflns_shell.meanI_over_uI_gt            ? 
_reflns_shell.number_measured_gt          ? 
_reflns_shell.number_unique_gt            ? 
_reflns_shell.percent_possible_gt         ? 
_reflns_shell.Rmerge_F_gt                 ? 
_reflns_shell.Rmerge_I_gt                 ? 
_reflns_shell.pdbx_redundancy             5.1 
_reflns_shell.pdbx_Rsym_value             ? 
_reflns_shell.pdbx_chi_squared            ? 
_reflns_shell.pdbx_netI_over_sigmaI_all   ? 
_reflns_shell.pdbx_netI_over_sigmaI_obs   ? 
_reflns_shell.pdbx_Rrim_I_all             ? 
_reflns_shell.pdbx_Rpim_I_all             0.696 
_reflns_shell.pdbx_rejects                ? 
_reflns_shell.pdbx_ordinal                1 
_reflns_shell.pdbx_diffrn_id              1 
_reflns_shell.pdbx_CC_half                0.484 
_reflns_shell.pdbx_R_split                ? 
# 
_refine.aniso_B[1][1]                            ? 
_refine.aniso_B[1][2]                            ? 
_refine.aniso_B[1][3]                            ? 
_refine.aniso_B[2][2]                            ? 
_refine.aniso_B[2][3]                            ? 
_refine.aniso_B[3][3]                            ? 
_refine.B_iso_max                                ? 
_refine.B_iso_mean                               ? 
_refine.B_iso_min                                ? 
_refine.correlation_coeff_Fo_to_Fc               ? 
_refine.correlation_coeff_Fo_to_Fc_free          ? 
_refine.details                                  ? 
_refine.diff_density_max                         ? 
_refine.diff_density_max_esd                     ? 
_refine.diff_density_min                         ? 
_refine.diff_density_min_esd                     ? 
_refine.diff_density_rms                         ? 
_refine.diff_density_rms_esd                     ? 
_refine.entry_id                                 6HBX 
_refine.pdbx_refine_id                           'X-RAY DIFFRACTION' 
_refine.ls_abs_structure_details                 ? 
_refine.ls_abs_structure_Flack                   ? 
_refine.ls_abs_structure_Flack_esd               ? 
_refine.ls_abs_structure_Rogers                  ? 
_refine.ls_abs_structure_Rogers_esd              ? 
_refine.ls_d_res_high                            1.540 
_refine.ls_d_res_low                             28.035 
_refine.ls_extinction_coef                       ? 
_refine.ls_extinction_coef_esd                   ? 
_refine.ls_extinction_expression                 ? 
_refine.ls_extinction_method                     ? 
_refine.ls_goodness_of_fit_all                   ? 
_refine.ls_goodness_of_fit_all_esd               ? 
_refine.ls_goodness_of_fit_obs                   ? 
_refine.ls_goodness_of_fit_obs_esd               ? 
_refine.ls_hydrogen_treatment                    ? 
_refine.ls_matrix_type                           ? 
_refine.ls_number_constraints                    ? 
_refine.ls_number_parameters                     ? 
_refine.ls_number_reflns_all                     ? 
_refine.ls_number_reflns_obs                     22399 
_refine.ls_number_reflns_R_free                  1152 
_refine.ls_number_reflns_R_work                  ? 
_refine.ls_number_restraints                     ? 
_refine.ls_percent_reflns_obs                    95.71 
_refine.ls_percent_reflns_R_free                 5.14 
_refine.ls_R_factor_all                          ? 
_refine.ls_R_factor_obs                          0.1917 
_refine.ls_R_factor_R_free                       0.2300 
_refine.ls_R_factor_R_free_error                 ? 
_refine.ls_R_factor_R_free_error_details         ? 
_refine.ls_R_factor_R_work                       0.1899 
_refine.ls_R_Fsqd_factor_obs                     ? 
_refine.ls_R_I_factor_obs                        ? 
_refine.ls_redundancy_reflns_all                 ? 
_refine.ls_redundancy_reflns_obs                 ? 
_refine.ls_restrained_S_all                      ? 
_refine.ls_restrained_S_obs                      ? 
_refine.ls_shift_over_esd_max                    ? 
_refine.ls_shift_over_esd_mean                   ? 
_refine.ls_structure_factor_coef                 ? 
_refine.ls_weighting_details                     ? 
_refine.ls_weighting_scheme                      ? 
_refine.ls_wR_factor_all                         ? 
_refine.ls_wR_factor_obs                         ? 
_refine.ls_wR_factor_R_free                      ? 
_refine.ls_wR_factor_R_work                      ? 
_refine.occupancy_max                            ? 
_refine.occupancy_min                            ? 
_refine.solvent_model_details                    ? 
_refine.solvent_model_param_bsol                 ? 
_refine.solvent_model_param_ksol                 ? 
_refine.ls_R_factor_gt                           ? 
_refine.ls_goodness_of_fit_gt                    ? 
_refine.ls_goodness_of_fit_ref                   ? 
_refine.ls_shift_over_su_max                     ? 
_refine.ls_shift_over_su_max_lt                  ? 
_refine.ls_shift_over_su_mean                    ? 
_refine.ls_shift_over_su_mean_lt                 ? 
_refine.pdbx_ls_sigma_I                          ? 
_refine.pdbx_ls_sigma_F                          1.34 
_refine.pdbx_ls_sigma_Fsqd                       ? 
_refine.pdbx_data_cutoff_high_absF               ? 
_refine.pdbx_data_cutoff_high_rms_absF           ? 
_refine.pdbx_data_cutoff_low_absF                ? 
_refine.pdbx_isotropic_thermal_model             ? 
_refine.pdbx_ls_cross_valid_method               'FREE R-VALUE' 
_refine.pdbx_method_to_determine_struct          SAD 
_refine.pdbx_starting_model                      ? 
_refine.pdbx_stereochemistry_target_values       ? 
_refine.pdbx_R_Free_selection_details            ? 
_refine.pdbx_stereochem_target_val_spec_case     ? 
_refine.pdbx_overall_ESU_R                       ? 
_refine.pdbx_overall_ESU_R_Free                  ? 
_refine.pdbx_solvent_vdw_probe_radii             1.11 
_refine.pdbx_solvent_ion_probe_radii             ? 
_refine.pdbx_solvent_shrinkage_radii             0.90 
_refine.pdbx_real_space_R                        ? 
_refine.pdbx_density_correlation                 ? 
_refine.pdbx_pd_number_of_powder_patterns        ? 
_refine.pdbx_pd_number_of_points                 ? 
_refine.pdbx_pd_meas_number_of_points            ? 
_refine.pdbx_pd_proc_ls_prof_R_factor            ? 
_refine.pdbx_pd_proc_ls_prof_wR_factor           ? 
_refine.pdbx_pd_Marquardt_correlation_coeff      ? 
_refine.pdbx_pd_Fsqrd_R_factor                   ? 
_refine.pdbx_pd_ls_matrix_band_width             ? 
_refine.pdbx_overall_phase_error                 24.05 
_refine.pdbx_overall_SU_R_free_Cruickshank_DPI   ? 
_refine.pdbx_overall_SU_R_free_Blow_DPI          ? 
_refine.pdbx_overall_SU_R_Blow_DPI               ? 
_refine.pdbx_TLS_residual_ADP_flag               ? 
_refine.pdbx_diffrn_id                           1 
_refine.overall_SU_B                             ? 
_refine.overall_SU_ML                            0.19 
_refine.overall_SU_R_Cruickshank_DPI             ? 
_refine.overall_SU_R_free                        ? 
_refine.overall_FOM_free_R_set                   ? 
_refine.overall_FOM_work_R_set                   ? 
_refine.pdbx_average_fsc_overall                 ? 
_refine.pdbx_average_fsc_work                    ? 
_refine.pdbx_average_fsc_free                    ? 
# 
_refine_hist.pdbx_refine_id                   'X-RAY DIFFRACTION' 
_refine_hist.cycle_id                         LAST 
_refine_hist.pdbx_number_atoms_protein        0 
_refine_hist.pdbx_number_atoms_nucleic_acid   385 
_refine_hist.pdbx_number_atoms_ligand         13 
_refine_hist.number_atoms_solvent             51 
_refine_hist.number_atoms_total               449 
_refine_hist.d_res_high                       1.540 
_refine_hist.d_res_low                        28.035 
# 
loop_
_refine_ls_restr.pdbx_refine_id 
_refine_ls_restr.criterion 
_refine_ls_restr.dev_ideal 
_refine_ls_restr.dev_ideal_target 
_refine_ls_restr.number 
_refine_ls_restr.rejects 
_refine_ls_restr.type 
_refine_ls_restr.weight 
_refine_ls_restr.pdbx_restraint_function 
'X-RAY DIFFRACTION' ? 0.010  ? 439 ? f_bond_d           ? ? 
'X-RAY DIFFRACTION' ? 1.380  ? 677 ? f_angle_d          ? ? 
'X-RAY DIFFRACTION' ? 10.083 ? 202 ? f_dihedral_angle_d ? ? 
'X-RAY DIFFRACTION' ? 0.065  ? 88  ? f_chiral_restr     ? ? 
'X-RAY DIFFRACTION' ? 0.013  ? 19  ? f_plane_restr      ? ? 
# 
loop_
_refine_ls_shell.pdbx_refine_id 
_refine_ls_shell.d_res_high 
_refine_ls_shell.d_res_low 
_refine_ls_shell.number_reflns_all 
_refine_ls_shell.number_reflns_obs 
_refine_ls_shell.number_reflns_R_free 
_refine_ls_shell.number_reflns_R_work 
_refine_ls_shell.percent_reflns_obs 
_refine_ls_shell.percent_reflns_R_free 
_refine_ls_shell.R_factor_all 
_refine_ls_shell.R_factor_obs 
_refine_ls_shell.R_factor_R_free 
_refine_ls_shell.R_factor_R_free_error 
_refine_ls_shell.R_factor_R_work 
_refine_ls_shell.redundancy_reflns_all 
_refine_ls_shell.redundancy_reflns_obs 
_refine_ls_shell.wR_factor_all 
_refine_ls_shell.wR_factor_obs 
_refine_ls_shell.wR_factor_R_free 
_refine_ls_shell.wR_factor_R_work 
_refine_ls_shell.pdbx_total_number_of_bins_used 
_refine_ls_shell.pdbx_phase_error 
_refine_ls_shell.pdbx_fsc_work 
_refine_ls_shell.pdbx_fsc_free 
'X-RAY DIFFRACTION' 1.5400 1.6101  . . 147 2559 93.00 . . . 0.3377 . 0.3292 . . . . . . . . . . 
'X-RAY DIFFRACTION' 1.6101 1.6950  . . 165 2570 94.00 . . . 0.3412 . 0.2904 . . . . . . . . . . 
'X-RAY DIFFRACTION' 1.6950 1.8012  . . 123 2707 96.00 . . . 0.2691 . 0.2261 . . . . . . . . . . 
'X-RAY DIFFRACTION' 1.8012 1.9402  . . 136 2657 96.00 . . . 0.2099 . 0.2112 . . . . . . . . . . 
'X-RAY DIFFRACTION' 1.9402 2.1354  . . 175 2659 96.00 . . . 0.2535 . 0.2089 . . . . . . . . . . 
'X-RAY DIFFRACTION' 2.1354 2.4443  . . 156 2684 98.00 . . . 0.1828 . 0.1952 . . . . . . . . . . 
'X-RAY DIFFRACTION' 2.4443 3.0789  . . 128 2740 98.00 . . . 0.2335 . 0.2104 . . . . . . . . . . 
'X-RAY DIFFRACTION' 3.0789 28.0396 . . 122 2671 95.00 . . . 0.2220 . 0.1561 . . . . . . . . . . 
# 
_struct.entry_id                     6HBX 
_struct.title                        'The structure of the G. violaceus guanidine II riboswitch P2 stem-loop with ethylguanidine' 
_struct.pdbx_model_details           ? 
_struct.pdbx_formula_weight          ? 
_struct.pdbx_formula_weight_method   ? 
_struct.pdbx_model_type_details      ? 
_struct.pdbx_CASP_flag               N 
# 
_struct_keywords.entry_id        6HBX 
_struct_keywords.text            'guanidine II riboswitch, stem-loop, tetra loop, dimer, RNA' 
_struct_keywords.pdbx_keywords   RNA 
# 
loop_
_struct_asym.id 
_struct_asym.pdbx_blank_PDB_chainid_flag 
_struct_asym.pdbx_modified 
_struct_asym.entity_id 
_struct_asym.details 
A N N 1 ? 
B N N 2 ? 
C N N 3 ? 
D N N 4 ? 
E N N 4 ? 
F N N 5 ? 
# 
_struct_ref.id                         1 
_struct_ref.db_name                    PDB 
_struct_ref.db_code                    6HBX 
_struct_ref.pdbx_db_accession          6HBX 
_struct_ref.pdbx_db_isoform            ? 
_struct_ref.entity_id                  1 
_struct_ref.pdbx_seq_one_letter_code   ? 
_struct_ref.pdbx_align_begin           1 
# 
_struct_ref_seq.align_id                      1 
_struct_ref_seq.ref_id                        1 
_struct_ref_seq.pdbx_PDB_id_code              6HBX 
_struct_ref_seq.pdbx_strand_id                A 
_struct_ref_seq.seq_align_beg                 1 
_struct_ref_seq.pdbx_seq_align_beg_ins_code   ? 
_struct_ref_seq.seq_align_end                 18 
_struct_ref_seq.pdbx_seq_align_end_ins_code   ? 
_struct_ref_seq.pdbx_db_accession             6HBX 
_struct_ref_seq.db_align_beg                  1 
_struct_ref_seq.pdbx_db_align_beg_ins_code    ? 
_struct_ref_seq.db_align_end                  18 
_struct_ref_seq.pdbx_db_align_end_ins_code    ? 
_struct_ref_seq.pdbx_auth_seq_align_beg       1 
_struct_ref_seq.pdbx_auth_seq_align_end       18 
# 
_pdbx_struct_assembly.id                   1 
_pdbx_struct_assembly.details              software_defined_assembly 
_pdbx_struct_assembly.method_details       PISA 
_pdbx_struct_assembly.oligomeric_details   monomeric 
_pdbx_struct_assembly.oligomeric_count     1 
# 
loop_
_pdbx_struct_assembly_prop.biol_id 
_pdbx_struct_assembly_prop.type 
_pdbx_struct_assembly_prop.value 
_pdbx_struct_assembly_prop.details 
1 'ABSA (A^2)' 1090 ? 
1 MORE         -21  ? 
1 'SSA (A^2)'  3540 ? 
# 
_pdbx_struct_assembly_gen.assembly_id       1 
_pdbx_struct_assembly_gen.oper_expression   1 
_pdbx_struct_assembly_gen.asym_id_list      A,B,C,D,E,F 
# 
_pdbx_struct_assembly_auth_evidence.id                     1 
_pdbx_struct_assembly_auth_evidence.assembly_id            1 
_pdbx_struct_assembly_auth_evidence.experimental_support   none 
_pdbx_struct_assembly_auth_evidence.details                ? 
# 
_pdbx_struct_oper_list.id                   1 
_pdbx_struct_oper_list.type                 'identity operation' 
_pdbx_struct_oper_list.name                 1_555 
_pdbx_struct_oper_list.symmetry_operation   x,y,z 
_pdbx_struct_oper_list.matrix[1][1]         1.0000000000 
_pdbx_struct_oper_list.matrix[1][2]         0.0000000000 
_pdbx_struct_oper_list.matrix[1][3]         0.0000000000 
_pdbx_struct_oper_list.vector[1]            0.0000000000 
_pdbx_struct_oper_list.matrix[2][1]         0.0000000000 
_pdbx_struct_oper_list.matrix[2][2]         1.0000000000 
_pdbx_struct_oper_list.matrix[2][3]         0.0000000000 
_pdbx_struct_oper_list.vector[2]            0.0000000000 
_pdbx_struct_oper_list.matrix[3][1]         0.0000000000 
_pdbx_struct_oper_list.matrix[3][2]         0.0000000000 
_pdbx_struct_oper_list.matrix[3][3]         1.0000000000 
_pdbx_struct_oper_list.vector[3]            0.0000000000 
# 
loop_
_struct_conn.id 
_struct_conn.conn_type_id 
_struct_conn.pdbx_leaving_atom_flag 
_struct_conn.pdbx_PDB_id 
_struct_conn.ptnr1_label_asym_id 
_struct_conn.ptnr1_label_comp_id 
_struct_conn.ptnr1_label_seq_id 
_struct_conn.ptnr1_label_atom_id 
_struct_conn.pdbx_ptnr1_label_alt_id 
_struct_conn.pdbx_ptnr1_PDB_ins_code 
_struct_conn.pdbx_ptnr1_standard_comp_id 
_struct_conn.ptnr1_symmetry 
_struct_conn.ptnr2_label_asym_id 
_struct_conn.ptnr2_label_comp_id 
_struct_conn.ptnr2_label_seq_id 
_struct_conn.ptnr2_label_atom_id 
_struct_conn.pdbx_ptnr2_label_alt_id 
_struct_conn.pdbx_ptnr2_PDB_ins_code 
_struct_conn.ptnr1_auth_asym_id 
_struct_conn.ptnr1_auth_comp_id 
_struct_conn.ptnr1_auth_seq_id 
_struct_conn.ptnr2_auth_asym_id 
_struct_conn.ptnr2_auth_comp_id 
_struct_conn.ptnr2_auth_seq_id 
_struct_conn.ptnr2_symmetry 
_struct_conn.pdbx_ptnr3_label_atom_id 
_struct_conn.pdbx_ptnr3_label_seq_id 
_struct_conn.pdbx_ptnr3_label_comp_id 
_struct_conn.pdbx_ptnr3_label_asym_id 
_struct_conn.pdbx_ptnr3_label_alt_id 
_struct_conn.pdbx_ptnr3_PDB_ins_code 
_struct_conn.details 
_struct_conn.pdbx_dist_value 
_struct_conn.pdbx_value_order 
_struct_conn.pdbx_role 
covale1  covale both ? A A   16 "O3'" ? ? ? 1_555 A CBV 17 P  ? ? A A   16  A CBV 17  1_555 ? ? ? ? ? ? ?            1.564 ? ? 
covale2  covale one  ? A CBV 17 "O3'" ? ? ? 1_555 A C   18 P  ? ? A CBV 17  A C   18  1_555 ? ? ? ? ? ? ?            1.602 ? ? 
metalc1  metalc ?    ? D NA  .  NA    ? ? ? 1_555 F HOH .  O  ? ? A NA  103 A HOH 224 1_555 ? ? ? ? ? ? ?            3.072 ? ? 
hydrog1  hydrog ?    ? A G   1  N1    ? ? ? 1_555 A C   18 N3 ? ? A G   1   A C   18  1_555 ? ? ? ? ? ? WATSON-CRICK ?     ? ? 
hydrog2  hydrog ?    ? A G   1  N2    ? ? ? 1_555 A C   18 O2 ? ? A G   1   A C   18  1_555 ? ? ? ? ? ? WATSON-CRICK ?     ? ? 
hydrog3  hydrog ?    ? A G   1  O6    ? ? ? 1_555 A C   18 N4 ? ? A G   1   A C   18  1_555 ? ? ? ? ? ? WATSON-CRICK ?     ? ? 
hydrog4  hydrog ?    ? A G   2  N1    ? ? ? 1_555 A CBV 17 N3 ? ? A G   2   A CBV 17  1_555 ? ? ? ? ? ? WATSON-CRICK ?     ? ? 
hydrog5  hydrog ?    ? A G   2  N2    ? ? ? 1_555 A CBV 17 O2 ? ? A G   2   A CBV 17  1_555 ? ? ? ? ? ? WATSON-CRICK ?     ? ? 
hydrog6  hydrog ?    ? A G   2  O6    ? ? ? 1_555 A CBV 17 N4 ? ? A G   2   A CBV 17  1_555 ? ? ? ? ? ? WATSON-CRICK ?     ? ? 
hydrog7  hydrog ?    ? A U   3  N3    ? ? ? 1_555 A A   16 N1 ? ? A U   3   A A   16  1_555 ? ? ? ? ? ? WATSON-CRICK ?     ? ? 
hydrog8  hydrog ?    ? A U   3  O4    ? ? ? 1_555 A A   16 N6 ? ? A U   3   A A   16  1_555 ? ? ? ? ? ? WATSON-CRICK ?     ? ? 
hydrog9  hydrog ?    ? A G   4  N1    ? ? ? 1_555 A C   15 N3 ? ? A G   4   A C   15  1_555 ? ? ? ? ? ? WATSON-CRICK ?     ? ? 
hydrog10 hydrog ?    ? A G   4  N2    ? ? ? 1_555 A C   15 O2 ? ? A G   4   A C   15  1_555 ? ? ? ? ? ? WATSON-CRICK ?     ? ? 
hydrog11 hydrog ?    ? A G   4  O6    ? ? ? 1_555 A C   15 N4 ? ? A G   4   A C   15  1_555 ? ? ? ? ? ? WATSON-CRICK ?     ? ? 
hydrog12 hydrog ?    ? A G   5  N1    ? ? ? 1_555 A C   14 N3 ? ? A G   5   A C   14  1_555 ? ? ? ? ? ? WATSON-CRICK ?     ? ? 
hydrog13 hydrog ?    ? A G   5  N2    ? ? ? 1_555 A C   14 O2 ? ? A G   5   A C   14  1_555 ? ? ? ? ? ? WATSON-CRICK ?     ? ? 
hydrog14 hydrog ?    ? A G   5  O6    ? ? ? 1_555 A C   14 N4 ? ? A G   5   A C   14  1_555 ? ? ? ? ? ? WATSON-CRICK ?     ? ? 
hydrog15 hydrog ?    ? A G   6  N1    ? ? ? 1_555 A C   13 N3 ? ? A G   6   A C   13  1_555 ? ? ? ? ? ? WATSON-CRICK ?     ? ? 
hydrog16 hydrog ?    ? A G   6  N2    ? ? ? 1_555 A C   13 O2 ? ? A G   6   A C   13  1_555 ? ? ? ? ? ? WATSON-CRICK ?     ? ? 
hydrog17 hydrog ?    ? A G   6  O6    ? ? ? 1_555 A C   13 N4 ? ? A G   6   A C   13  1_555 ? ? ? ? ? ? WATSON-CRICK ?     ? ? 
hydrog18 hydrog ?    ? A G   7  N1    ? ? ? 1_555 A C   12 N3 ? ? A G   7   A C   12  1_555 ? ? ? ? ? ? WATSON-CRICK ?     ? ? 
hydrog19 hydrog ?    ? A G   7  N2    ? ? ? 1_555 A C   12 O2 ? ? A G   7   A C   12  1_555 ? ? ? ? ? ? WATSON-CRICK ?     ? ? 
hydrog20 hydrog ?    ? A G   7  O6    ? ? ? 1_555 A C   12 N4 ? ? A G   7   A C   12  1_555 ? ? ? ? ? ? WATSON-CRICK ?     ? ? 
# 
loop_
_struct_conn_type.id 
_struct_conn_type.criteria 
_struct_conn_type.reference 
covale ? ? 
metalc ? ? 
hydrog ? ? 
# 
loop_
_struct_site.id 
_struct_site.pdbx_evidence_code 
_struct_site.pdbx_auth_asym_id 
_struct_site.pdbx_auth_comp_id 
_struct_site.pdbx_auth_seq_id 
_struct_site.pdbx_auth_ins_code 
_struct_site.pdbx_num_residues 
_struct_site.details 
AC1 Software A EGD 101 ? 5 'binding site for residue EGD A 101' 
AC2 Software A SO4 102 ? 5 'binding site for residue SO4 A 102' 
AC3 Software A NA  103 ? 2 'binding site for residue NA A 103'  
AC4 Software A NA  104 ? 2 'binding site for residue NA A 104'  
# 
loop_
_struct_site_gen.id 
_struct_site_gen.site_id 
_struct_site_gen.pdbx_num_res 
_struct_site_gen.label_comp_id 
_struct_site_gen.label_asym_id 
_struct_site_gen.label_seq_id 
_struct_site_gen.pdbx_auth_ins_code 
_struct_site_gen.auth_comp_id 
_struct_site_gen.auth_asym_id 
_struct_site_gen.auth_seq_id 
_struct_site_gen.label_atom_id 
_struct_site_gen.label_alt_id 
_struct_site_gen.symmetry 
_struct_site_gen.details 
1  AC1 5 G   A 7  ? G   A 7   . ? 1_555  ? 
2  AC1 5 A   A 8  ? A   A 8   . ? 1_555  ? 
3  AC1 5 C   A 9  ? C   A 9   . ? 1_555  ? 
4  AC1 5 C   A 9  ? C   A 9   . ? 18_655 ? 
5  AC1 5 G   A 10 ? G   A 10  . ? 1_555  ? 
6  AC2 5 G   A 2  ? G   A 2   . ? 1_555  ? 
7  AC2 5 U   A 3  ? U   A 3   . ? 1_555  ? 
8  AC2 5 C   A 15 ? C   A 15  . ? 3_565  ? 
9  AC2 5 HOH F .  ? HOH A 202 . ? 1_555  ? 
10 AC2 5 HOH F .  ? HOH A 232 . ? 1_555  ? 
11 AC3 2 G   A 1  ? G   A 1   . ? 1_555  ? 
12 AC3 2 HOH F .  ? HOH A 224 . ? 1_555  ? 
13 AC4 2 G   A 4  ? G   A 4   . ? 1_555  ? 
14 AC4 2 C   A 15 ? C   A 15  . ? 3_565  ? 
# 
loop_
_pdbx_validate_rmsd_angle.id 
_pdbx_validate_rmsd_angle.PDB_model_num 
_pdbx_validate_rmsd_angle.auth_atom_id_1 
_pdbx_validate_rmsd_angle.auth_asym_id_1 
_pdbx_validate_rmsd_angle.auth_comp_id_1 
_pdbx_validate_rmsd_angle.auth_seq_id_1 
_pdbx_validate_rmsd_angle.PDB_ins_code_1 
_pdbx_validate_rmsd_angle.label_alt_id_1 
_pdbx_validate_rmsd_angle.auth_atom_id_2 
_pdbx_validate_rmsd_angle.auth_asym_id_2 
_pdbx_validate_rmsd_angle.auth_comp_id_2 
_pdbx_validate_rmsd_angle.auth_seq_id_2 
_pdbx_validate_rmsd_angle.PDB_ins_code_2 
_pdbx_validate_rmsd_angle.label_alt_id_2 
_pdbx_validate_rmsd_angle.auth_atom_id_3 
_pdbx_validate_rmsd_angle.auth_asym_id_3 
_pdbx_validate_rmsd_angle.auth_comp_id_3 
_pdbx_validate_rmsd_angle.auth_seq_id_3 
_pdbx_validate_rmsd_angle.PDB_ins_code_3 
_pdbx_validate_rmsd_angle.label_alt_id_3 
_pdbx_validate_rmsd_angle.angle_value 
_pdbx_validate_rmsd_angle.angle_target_value 
_pdbx_validate_rmsd_angle.angle_deviation 
_pdbx_validate_rmsd_angle.angle_standard_deviation 
_pdbx_validate_rmsd_angle.linker_flag 
1 1 "O5'" A G 5  ? ? P  A G 5  ? ? OP2 A G 5  ? ? 99.48  105.70 -6.22 0.90 N 
2 1 C6    A C 15 ? ? N1 A C 15 ? ? C2  A C 15 ? ? 122.98 120.30 2.68  0.40 N 
# 
loop_
_pdbx_struct_special_symmetry.id 
_pdbx_struct_special_symmetry.PDB_model_num 
_pdbx_struct_special_symmetry.auth_asym_id 
_pdbx_struct_special_symmetry.auth_comp_id 
_pdbx_struct_special_symmetry.auth_seq_id 
_pdbx_struct_special_symmetry.PDB_ins_code 
_pdbx_struct_special_symmetry.label_asym_id 
_pdbx_struct_special_symmetry.label_comp_id 
_pdbx_struct_special_symmetry.label_seq_id 
1 1 A HOH 209 ? F HOH . 
2 1 A HOH 227 ? F HOH . 
# 
loop_
_pdbx_refine_tls.pdbx_refine_id 
_pdbx_refine_tls.id 
_pdbx_refine_tls.details 
_pdbx_refine_tls.method 
_pdbx_refine_tls.origin_x 
_pdbx_refine_tls.origin_y 
_pdbx_refine_tls.origin_z 
_pdbx_refine_tls.T[1][1] 
_pdbx_refine_tls.T[2][2] 
_pdbx_refine_tls.T[3][3] 
_pdbx_refine_tls.T[1][2] 
_pdbx_refine_tls.T[1][3] 
_pdbx_refine_tls.T[2][3] 
_pdbx_refine_tls.L[1][1] 
_pdbx_refine_tls.L[2][2] 
_pdbx_refine_tls.L[3][3] 
_pdbx_refine_tls.L[1][2] 
_pdbx_refine_tls.L[1][3] 
_pdbx_refine_tls.L[2][3] 
_pdbx_refine_tls.S[1][1] 
_pdbx_refine_tls.S[1][2] 
_pdbx_refine_tls.S[1][3] 
_pdbx_refine_tls.S[2][1] 
_pdbx_refine_tls.S[2][2] 
_pdbx_refine_tls.S[2][3] 
_pdbx_refine_tls.S[3][1] 
_pdbx_refine_tls.S[3][2] 
_pdbx_refine_tls.S[3][3] 
'X-RAY DIFFRACTION' 1 ? refined -6.2294 -3.1069 -1.3114 0.3168 0.2908 0.2305 0.0304  0.0100  -0.0058 0.0773 0.0099 0.0170  0.0441  0.0207  0.0134  0.0849  -0.3339 0.1900  -0.2761 0.1801  -0.0254 -0.7437 -0.0624 -0.1527 
'X-RAY DIFFRACTION' 2 ? refined 3.9694  7.7236  4.9659  0.2634 0.2940 0.3064 -0.0170 -0.0217 -0.0027 0.0058 0.0219 0.0004  -0.0038 -0.0095 -0.0107 0.0094  0.0226  0.2073  -0.1634 -0.0533 0.1617  0.0784  -0.1043 0.0506  
'X-RAY DIFFRACTION' 3 ? refined 4.0678  0.7582  -2.2667 0.3296 0.2551 0.3001 -0.0267 -0.0324 0.0063  0.0888 0.0851 -0.0257 0.0943  0.0037  -0.0248 -0.1857 0.0624  -0.0177 -0.3964 -0.1379 0.3369  -0.0404 -0.1743 0.2235  
# 
loop_
_pdbx_refine_tls_group.pdbx_refine_id 
_pdbx_refine_tls_group.id 
_pdbx_refine_tls_group.refine_tls_id 
_pdbx_refine_tls_group.beg_auth_asym_id 
_pdbx_refine_tls_group.beg_auth_seq_id 
_pdbx_refine_tls_group.beg_label_asym_id 
_pdbx_refine_tls_group.beg_label_seq_id 
_pdbx_refine_tls_group.end_auth_asym_id 
_pdbx_refine_tls_group.end_auth_seq_id 
_pdbx_refine_tls_group.end_label_asym_id 
_pdbx_refine_tls_group.end_label_seq_id 
_pdbx_refine_tls_group.selection 
_pdbx_refine_tls_group.selection_details 
'X-RAY DIFFRACTION' 1 1 ? ? ? ? ? ? ? ? ? 
;chain 'A' and (resid 1 through 5 )
;
'X-RAY DIFFRACTION' 2 2 ? ? ? ? ? ? ? ? ? 
;chain 'A' and (resid 6 through 10 )
;
'X-RAY DIFFRACTION' 3 3 ? ? ? ? ? ? ? ? ? 
;chain 'A' and (resid 11 through 18 )
;
# 
loop_
_chem_comp_atom.comp_id 
_chem_comp_atom.atom_id 
_chem_comp_atom.type_symbol 
_chem_comp_atom.pdbx_aromatic_flag 
_chem_comp_atom.pdbx_stereo_config 
_chem_comp_atom.pdbx_ordinal 
A   OP3    O  N N 1   
A   P      P  N N 2   
A   OP1    O  N N 3   
A   OP2    O  N N 4   
A   "O5'"  O  N N 5   
A   "C5'"  C  N N 6   
A   "C4'"  C  N R 7   
A   "O4'"  O  N N 8   
A   "C3'"  C  N S 9   
A   "O3'"  O  N N 10  
A   "C2'"  C  N R 11  
A   "O2'"  O  N N 12  
A   "C1'"  C  N R 13  
A   N9     N  Y N 14  
A   C8     C  Y N 15  
A   N7     N  Y N 16  
A   C5     C  Y N 17  
A   C6     C  Y N 18  
A   N6     N  N N 19  
A   N1     N  Y N 20  
A   C2     C  Y N 21  
A   N3     N  Y N 22  
A   C4     C  Y N 23  
A   HOP3   H  N N 24  
A   HOP2   H  N N 25  
A   "H5'"  H  N N 26  
A   "H5''" H  N N 27  
A   "H4'"  H  N N 28  
A   "H3'"  H  N N 29  
A   "HO3'" H  N N 30  
A   "H2'"  H  N N 31  
A   "HO2'" H  N N 32  
A   "H1'"  H  N N 33  
A   H8     H  N N 34  
A   H61    H  N N 35  
A   H62    H  N N 36  
A   H2     H  N N 37  
C   OP3    O  N N 38  
C   P      P  N N 39  
C   OP1    O  N N 40  
C   OP2    O  N N 41  
C   "O5'"  O  N N 42  
C   "C5'"  C  N N 43  
C   "C4'"  C  N R 44  
C   "O4'"  O  N N 45  
C   "C3'"  C  N S 46  
C   "O3'"  O  N N 47  
C   "C2'"  C  N R 48  
C   "O2'"  O  N N 49  
C   "C1'"  C  N R 50  
C   N1     N  N N 51  
C   C2     C  N N 52  
C   O2     O  N N 53  
C   N3     N  N N 54  
C   C4     C  N N 55  
C   N4     N  N N 56  
C   C5     C  N N 57  
C   C6     C  N N 58  
C   HOP3   H  N N 59  
C   HOP2   H  N N 60  
C   "H5'"  H  N N 61  
C   "H5''" H  N N 62  
C   "H4'"  H  N N 63  
C   "H3'"  H  N N 64  
C   "HO3'" H  N N 65  
C   "H2'"  H  N N 66  
C   "HO2'" H  N N 67  
C   "H1'"  H  N N 68  
C   H41    H  N N 69  
C   H42    H  N N 70  
C   H5     H  N N 71  
C   H6     H  N N 72  
CBV O3P    O  N N 73  
CBV P      P  N N 74  
CBV O1P    O  N N 75  
CBV O2P    O  N N 76  
CBV "O5'"  O  N N 77  
CBV "C5'"  C  N N 78  
CBV "C4'"  C  N R 79  
CBV "O4'"  O  N N 80  
CBV "C3'"  C  N S 81  
CBV "O3'"  O  N N 82  
CBV "C2'"  C  N R 83  
CBV "O2'"  O  N N 84  
CBV "C1'"  C  N R 85  
CBV N1     N  N N 86  
CBV C2     C  N N 87  
CBV O2     O  N N 88  
CBV N3     N  N N 89  
CBV C4     C  N N 90  
CBV N4     N  N N 91  
CBV C5     C  N N 92  
CBV C6     C  N N 93  
CBV BR     BR N N 94  
CBV HO3P   H  N N 95  
CBV HO1P   H  N N 96  
CBV "H5'1" H  N N 97  
CBV "H5'2" H  N N 98  
CBV "H4'"  H  N N 99  
CBV "H3'"  H  N N 100 
CBV "HO3'" H  N N 101 
CBV "H2'"  H  N N 102 
CBV "HO2'" H  N N 103 
CBV "H1'"  H  N N 104 
CBV HN41   H  N N 105 
CBV HN42   H  N N 106 
CBV H6     H  N N 107 
EGD CG     C  N N 108 
EGD CD     C  N N 109 
EGD NE     N  N N 110 
EGD CZ     C  N N 111 
EGD NH1    N  N N 112 
EGD NH2    N  N N 113 
EGD HG1    H  N N 114 
EGD HG2    H  N N 115 
EGD HG3    H  N N 116 
EGD HD1    H  N N 117 
EGD HD2    H  N N 118 
EGD HNE    H  N N 119 
EGD HH1    H  N N 120 
EGD HH21   H  N N 121 
EGD HH22   H  N N 122 
G   OP3    O  N N 123 
G   P      P  N N 124 
G   OP1    O  N N 125 
G   OP2    O  N N 126 
G   "O5'"  O  N N 127 
G   "C5'"  C  N N 128 
G   "C4'"  C  N R 129 
G   "O4'"  O  N N 130 
G   "C3'"  C  N S 131 
G   "O3'"  O  N N 132 
G   "C2'"  C  N R 133 
G   "O2'"  O  N N 134 
G   "C1'"  C  N R 135 
G   N9     N  Y N 136 
G   C8     C  Y N 137 
G   N7     N  Y N 138 
G   C5     C  Y N 139 
G   C6     C  N N 140 
G   O6     O  N N 141 
G   N1     N  N N 142 
G   C2     C  N N 143 
G   N2     N  N N 144 
G   N3     N  N N 145 
G   C4     C  Y N 146 
G   HOP3   H  N N 147 
G   HOP2   H  N N 148 
G   "H5'"  H  N N 149 
G   "H5''" H  N N 150 
G   "H4'"  H  N N 151 
G   "H3'"  H  N N 152 
G   "HO3'" H  N N 153 
G   "H2'"  H  N N 154 
G   "HO2'" H  N N 155 
G   "H1'"  H  N N 156 
G   H8     H  N N 157 
G   H1     H  N N 158 
G   H21    H  N N 159 
G   H22    H  N N 160 
HOH O      O  N N 161 
HOH H1     H  N N 162 
HOH H2     H  N N 163 
NA  NA     NA N N 164 
SO4 S      S  N N 165 
SO4 O1     O  N N 166 
SO4 O2     O  N N 167 
SO4 O3     O  N N 168 
SO4 O4     O  N N 169 
U   OP3    O  N N 170 
U   P      P  N N 171 
U   OP1    O  N N 172 
U   OP2    O  N N 173 
U   "O5'"  O  N N 174 
U   "C5'"  C  N N 175 
U   "C4'"  C  N R 176 
U   "O4'"  O  N N 177 
U   "C3'"  C  N S 178 
U   "O3'"  O  N N 179 
U   "C2'"  C  N R 180 
U   "O2'"  O  N N 181 
U   "C1'"  C  N R 182 
U   N1     N  N N 183 
U   C2     C  N N 184 
U   O2     O  N N 185 
U   N3     N  N N 186 
U   C4     C  N N 187 
U   O4     O  N N 188 
U   C5     C  N N 189 
U   C6     C  N N 190 
U   HOP3   H  N N 191 
U   HOP2   H  N N 192 
U   "H5'"  H  N N 193 
U   "H5''" H  N N 194 
U   "H4'"  H  N N 195 
U   "H3'"  H  N N 196 
U   "HO3'" H  N N 197 
U   "H2'"  H  N N 198 
U   "HO2'" H  N N 199 
U   "H1'"  H  N N 200 
U   H3     H  N N 201 
U   H5     H  N N 202 
U   H6     H  N N 203 
# 
loop_
_chem_comp_bond.comp_id 
_chem_comp_bond.atom_id_1 
_chem_comp_bond.atom_id_2 
_chem_comp_bond.value_order 
_chem_comp_bond.pdbx_aromatic_flag 
_chem_comp_bond.pdbx_stereo_config 
_chem_comp_bond.pdbx_ordinal 
A   OP3   P      sing N N 1   
A   OP3   HOP3   sing N N 2   
A   P     OP1    doub N N 3   
A   P     OP2    sing N N 4   
A   P     "O5'"  sing N N 5   
A   OP2   HOP2   sing N N 6   
A   "O5'" "C5'"  sing N N 7   
A   "C5'" "C4'"  sing N N 8   
A   "C5'" "H5'"  sing N N 9   
A   "C5'" "H5''" sing N N 10  
A   "C4'" "O4'"  sing N N 11  
A   "C4'" "C3'"  sing N N 12  
A   "C4'" "H4'"  sing N N 13  
A   "O4'" "C1'"  sing N N 14  
A   "C3'" "O3'"  sing N N 15  
A   "C3'" "C2'"  sing N N 16  
A   "C3'" "H3'"  sing N N 17  
A   "O3'" "HO3'" sing N N 18  
A   "C2'" "O2'"  sing N N 19  
A   "C2'" "C1'"  sing N N 20  
A   "C2'" "H2'"  sing N N 21  
A   "O2'" "HO2'" sing N N 22  
A   "C1'" N9     sing N N 23  
A   "C1'" "H1'"  sing N N 24  
A   N9    C8     sing Y N 25  
A   N9    C4     sing Y N 26  
A   C8    N7     doub Y N 27  
A   C8    H8     sing N N 28  
A   N7    C5     sing Y N 29  
A   C5    C6     sing Y N 30  
A   C5    C4     doub Y N 31  
A   C6    N6     sing N N 32  
A   C6    N1     doub Y N 33  
A   N6    H61    sing N N 34  
A   N6    H62    sing N N 35  
A   N1    C2     sing Y N 36  
A   C2    N3     doub Y N 37  
A   C2    H2     sing N N 38  
A   N3    C4     sing Y N 39  
C   OP3   P      sing N N 40  
C   OP3   HOP3   sing N N 41  
C   P     OP1    doub N N 42  
C   P     OP2    sing N N 43  
C   P     "O5'"  sing N N 44  
C   OP2   HOP2   sing N N 45  
C   "O5'" "C5'"  sing N N 46  
C   "C5'" "C4'"  sing N N 47  
C   "C5'" "H5'"  sing N N 48  
C   "C5'" "H5''" sing N N 49  
C   "C4'" "O4'"  sing N N 50  
C   "C4'" "C3'"  sing N N 51  
C   "C4'" "H4'"  sing N N 52  
C   "O4'" "C1'"  sing N N 53  
C   "C3'" "O3'"  sing N N 54  
C   "C3'" "C2'"  sing N N 55  
C   "C3'" "H3'"  sing N N 56  
C   "O3'" "HO3'" sing N N 57  
C   "C2'" "O2'"  sing N N 58  
C   "C2'" "C1'"  sing N N 59  
C   "C2'" "H2'"  sing N N 60  
C   "O2'" "HO2'" sing N N 61  
C   "C1'" N1     sing N N 62  
C   "C1'" "H1'"  sing N N 63  
C   N1    C2     sing N N 64  
C   N1    C6     sing N N 65  
C   C2    O2     doub N N 66  
C   C2    N3     sing N N 67  
C   N3    C4     doub N N 68  
C   C4    N4     sing N N 69  
C   C4    C5     sing N N 70  
C   N4    H41    sing N N 71  
C   N4    H42    sing N N 72  
C   C5    C6     doub N N 73  
C   C5    H5     sing N N 74  
C   C6    H6     sing N N 75  
CBV O3P   P      sing N N 76  
CBV O3P   HO3P   sing N N 77  
CBV P     O1P    sing N N 78  
CBV P     O2P    doub N N 79  
CBV P     "O5'"  sing N N 80  
CBV O1P   HO1P   sing N N 81  
CBV "O5'" "C5'"  sing N N 82  
CBV "C5'" "C4'"  sing N N 83  
CBV "C5'" "H5'1" sing N N 84  
CBV "C5'" "H5'2" sing N N 85  
CBV "C4'" "O4'"  sing N N 86  
CBV "C4'" "C3'"  sing N N 87  
CBV "C4'" "H4'"  sing N N 88  
CBV "O4'" "C1'"  sing N N 89  
CBV "C3'" "O3'"  sing N N 90  
CBV "C3'" "C2'"  sing N N 91  
CBV "C3'" "H3'"  sing N N 92  
CBV "O3'" "HO3'" sing N N 93  
CBV "C2'" "O2'"  sing N N 94  
CBV "C2'" "C1'"  sing N N 95  
CBV "C2'" "H2'"  sing N N 96  
CBV "O2'" "HO2'" sing N N 97  
CBV "C1'" N1     sing N N 98  
CBV "C1'" "H1'"  sing N N 99  
CBV N1    C2     sing N N 100 
CBV N1    C6     sing N N 101 
CBV C2    O2     doub N N 102 
CBV C2    N3     sing N N 103 
CBV N3    C4     doub N N 104 
CBV C4    N4     sing N N 105 
CBV C4    C5     sing N N 106 
CBV N4    HN41   sing N N 107 
CBV N4    HN42   sing N N 108 
CBV C5    C6     doub N N 109 
CBV C5    BR     sing N N 110 
CBV C6    H6     sing N N 111 
EGD CG    CD     sing N N 112 
EGD CG    HG1    sing N N 113 
EGD CG    HG2    sing N N 114 
EGD CG    HG3    sing N N 115 
EGD CD    NE     sing N N 116 
EGD CD    HD1    sing N N 117 
EGD CD    HD2    sing N N 118 
EGD NE    CZ     sing N N 119 
EGD NE    HNE    sing N N 120 
EGD CZ    NH1    doub N N 121 
EGD CZ    NH2    sing N N 122 
EGD NH1   HH1    sing N N 123 
EGD NH2   HH21   sing N N 124 
EGD NH2   HH22   sing N N 125 
G   OP3   P      sing N N 126 
G   OP3   HOP3   sing N N 127 
G   P     OP1    doub N N 128 
G   P     OP2    sing N N 129 
G   P     "O5'"  sing N N 130 
G   OP2   HOP2   sing N N 131 
G   "O5'" "C5'"  sing N N 132 
G   "C5'" "C4'"  sing N N 133 
G   "C5'" "H5'"  sing N N 134 
G   "C5'" "H5''" sing N N 135 
G   "C4'" "O4'"  sing N N 136 
G   "C4'" "C3'"  sing N N 137 
G   "C4'" "H4'"  sing N N 138 
G   "O4'" "C1'"  sing N N 139 
G   "C3'" "O3'"  sing N N 140 
G   "C3'" "C2'"  sing N N 141 
G   "C3'" "H3'"  sing N N 142 
G   "O3'" "HO3'" sing N N 143 
G   "C2'" "O2'"  sing N N 144 
G   "C2'" "C1'"  sing N N 145 
G   "C2'" "H2'"  sing N N 146 
G   "O2'" "HO2'" sing N N 147 
G   "C1'" N9     sing N N 148 
G   "C1'" "H1'"  sing N N 149 
G   N9    C8     sing Y N 150 
G   N9    C4     sing Y N 151 
G   C8    N7     doub Y N 152 
G   C8    H8     sing N N 153 
G   N7    C5     sing Y N 154 
G   C5    C6     sing N N 155 
G   C5    C4     doub Y N 156 
G   C6    O6     doub N N 157 
G   C6    N1     sing N N 158 
G   N1    C2     sing N N 159 
G   N1    H1     sing N N 160 
G   C2    N2     sing N N 161 
G   C2    N3     doub N N 162 
G   N2    H21    sing N N 163 
G   N2    H22    sing N N 164 
G   N3    C4     sing N N 165 
HOH O     H1     sing N N 166 
HOH O     H2     sing N N 167 
SO4 S     O1     doub N N 168 
SO4 S     O2     doub N N 169 
SO4 S     O3     sing N N 170 
SO4 S     O4     sing N N 171 
U   OP3   P      sing N N 172 
U   OP3   HOP3   sing N N 173 
U   P     OP1    doub N N 174 
U   P     OP2    sing N N 175 
U   P     "O5'"  sing N N 176 
U   OP2   HOP2   sing N N 177 
U   "O5'" "C5'"  sing N N 178 
U   "C5'" "C4'"  sing N N 179 
U   "C5'" "H5'"  sing N N 180 
U   "C5'" "H5''" sing N N 181 
U   "C4'" "O4'"  sing N N 182 
U   "C4'" "C3'"  sing N N 183 
U   "C4'" "H4'"  sing N N 184 
U   "O4'" "C1'"  sing N N 185 
U   "C3'" "O3'"  sing N N 186 
U   "C3'" "C2'"  sing N N 187 
U   "C3'" "H3'"  sing N N 188 
U   "O3'" "HO3'" sing N N 189 
U   "C2'" "O2'"  sing N N 190 
U   "C2'" "C1'"  sing N N 191 
U   "C2'" "H2'"  sing N N 192 
U   "O2'" "HO2'" sing N N 193 
U   "C1'" N1     sing N N 194 
U   "C1'" "H1'"  sing N N 195 
U   N1    C2     sing N N 196 
U   N1    C6     sing N N 197 
U   C2    O2     doub N N 198 
U   C2    N3     sing N N 199 
U   N3    C4     sing N N 200 
U   N3    H3     sing N N 201 
U   C4    O4     doub N N 202 
U   C4    C5     sing N N 203 
U   C5    C6     doub N N 204 
U   C5    H5     sing N N 205 
U   C6    H6     sing N N 206 
# 
loop_
_ndb_struct_conf_na.entry_id 
_ndb_struct_conf_na.feature 
6HBX 'a-form double helix'  
6HBX 'hairpin loop'         
6HBX 'mismatched base pair' 
# 
loop_
_ndb_struct_na_base_pair.model_number 
_ndb_struct_na_base_pair.i_label_asym_id 
_ndb_struct_na_base_pair.i_label_comp_id 
_ndb_struct_na_base_pair.i_label_seq_id 
_ndb_struct_na_base_pair.i_symmetry 
_ndb_struct_na_base_pair.j_label_asym_id 
_ndb_struct_na_base_pair.j_label_comp_id 
_ndb_struct_na_base_pair.j_label_seq_id 
_ndb_struct_na_base_pair.j_symmetry 
_ndb_struct_na_base_pair.shear 
_ndb_struct_na_base_pair.stretch 
_ndb_struct_na_base_pair.stagger 
_ndb_struct_na_base_pair.buckle 
_ndb_struct_na_base_pair.propeller 
_ndb_struct_na_base_pair.opening 
_ndb_struct_na_base_pair.pair_number 
_ndb_struct_na_base_pair.pair_name 
_ndb_struct_na_base_pair.i_auth_asym_id 
_ndb_struct_na_base_pair.i_auth_seq_id 
_ndb_struct_na_base_pair.i_PDB_ins_code 
_ndb_struct_na_base_pair.j_auth_asym_id 
_ndb_struct_na_base_pair.j_auth_seq_id 
_ndb_struct_na_base_pair.j_PDB_ins_code 
_ndb_struct_na_base_pair.hbond_type_28 
_ndb_struct_na_base_pair.hbond_type_12 
1 A G 1 1_555 A C   18 1_555 -0.162 -0.144 -0.125 -5.600  -1.981  -1.529 1 A_G1:C18_A   A 1 ? A 18 ? 19 1 
1 A G 2 1_555 A CBV 17 1_555 -0.233 -0.195 -0.068 -3.972  -11.233 -0.259 2 A_G2:CBV17_A A 2 ? A 17 ? 19 1 
1 A U 3 1_555 A A   16 1_555 -0.014 -0.116 0.044  -1.674  -10.622 3.831  3 A_U3:A16_A   A 3 ? A 16 ? 20 1 
1 A G 4 1_555 A C   15 1_555 -0.201 -0.079 -0.236 -5.075  -7.962  0.863  4 A_G4:C15_A   A 4 ? A 15 ? 19 1 
1 A G 5 1_555 A C   14 1_555 -0.119 -0.135 -0.325 -10.577 -10.221 -2.502 5 A_G5:C14_A   A 5 ? A 14 ? 19 1 
1 A G 6 1_555 A C   13 1_555 -0.144 -0.108 -0.078 -6.341  -4.652  -0.394 6 A_G6:C13_A   A 6 ? A 13 ? 19 1 
1 A G 7 1_555 A C   12 1_555 -0.066 -0.171 -0.118 0.622   2.404   -3.194 7 A_G7:C12_A   A 7 ? A 12 ? 19 1 
# 
loop_
_ndb_struct_na_base_pair_step.model_number 
_ndb_struct_na_base_pair_step.i_label_asym_id_1 
_ndb_struct_na_base_pair_step.i_label_comp_id_1 
_ndb_struct_na_base_pair_step.i_label_seq_id_1 
_ndb_struct_na_base_pair_step.i_symmetry_1 
_ndb_struct_na_base_pair_step.j_label_asym_id_1 
_ndb_struct_na_base_pair_step.j_label_comp_id_1 
_ndb_struct_na_base_pair_step.j_label_seq_id_1 
_ndb_struct_na_base_pair_step.j_symmetry_1 
_ndb_struct_na_base_pair_step.i_label_asym_id_2 
_ndb_struct_na_base_pair_step.i_label_comp_id_2 
_ndb_struct_na_base_pair_step.i_label_seq_id_2 
_ndb_struct_na_base_pair_step.i_symmetry_2 
_ndb_struct_na_base_pair_step.j_label_asym_id_2 
_ndb_struct_na_base_pair_step.j_label_comp_id_2 
_ndb_struct_na_base_pair_step.j_label_seq_id_2 
_ndb_struct_na_base_pair_step.j_symmetry_2 
_ndb_struct_na_base_pair_step.shift 
_ndb_struct_na_base_pair_step.slide 
_ndb_struct_na_base_pair_step.rise 
_ndb_struct_na_base_pair_step.tilt 
_ndb_struct_na_base_pair_step.roll 
_ndb_struct_na_base_pair_step.twist 
_ndb_struct_na_base_pair_step.x_displacement 
_ndb_struct_na_base_pair_step.y_displacement 
_ndb_struct_na_base_pair_step.helical_rise 
_ndb_struct_na_base_pair_step.inclination 
_ndb_struct_na_base_pair_step.tip 
_ndb_struct_na_base_pair_step.helical_twist 
_ndb_struct_na_base_pair_step.step_number 
_ndb_struct_na_base_pair_step.step_name 
_ndb_struct_na_base_pair_step.i_auth_asym_id_1 
_ndb_struct_na_base_pair_step.i_auth_seq_id_1 
_ndb_struct_na_base_pair_step.i_PDB_ins_code_1 
_ndb_struct_na_base_pair_step.j_auth_asym_id_1 
_ndb_struct_na_base_pair_step.j_auth_seq_id_1 
_ndb_struct_na_base_pair_step.j_PDB_ins_code_1 
_ndb_struct_na_base_pair_step.i_auth_asym_id_2 
_ndb_struct_na_base_pair_step.i_auth_seq_id_2 
_ndb_struct_na_base_pair_step.i_PDB_ins_code_2 
_ndb_struct_na_base_pair_step.j_auth_asym_id_2 
_ndb_struct_na_base_pair_step.j_auth_seq_id_2 
_ndb_struct_na_base_pair_step.j_PDB_ins_code_2 
1 A G 1 1_555 A C   18 1_555 A G 2 1_555 A CBV 17 1_555 0.346  -2.047 3.286 1.254  2.683  28.302 -4.765 -0.423 3.095 5.468  -2.555 
28.454 1 AA_G1G2:CBV17C18_AA A 1 ? A 18 ? A 2 ? A 17 ? 
1 A G 2 1_555 A CBV 17 1_555 A U 3 1_555 A A   16 1_555 0.402  -1.821 3.240 -0.103 1.070  32.292 -3.458 -0.741 3.178 1.923  0.185  
32.309 2 AA_G2U3:A16CBV17_AA A 2 ? A 17 ? A 3 ? A 16 ? 
1 A U 3 1_555 A A   16 1_555 A G 4 1_555 A C   15 1_555 -0.454 -1.648 3.333 2.338  12.337 31.633 -4.647 1.123  2.495 21.597 -4.093 
33.975 3 AA_U3G4:C15A16_AA   A 3 ? A 16 ? A 4 ? A 15 ? 
1 A G 4 1_555 A C   15 1_555 A G 5 1_555 A C   14 1_555 0.399  -2.072 3.460 2.210  8.425  27.035 -6.108 -0.320 2.727 17.456 -4.579 
28.378 4 AA_G4G5:C14C15_AA   A 4 ? A 15 ? A 5 ? A 14 ? 
1 A G 5 1_555 A C   14 1_555 A G 6 1_555 A C   13 1_555 0.345  -1.852 3.197 -0.020 3.304  31.050 -4.037 -0.645 2.988 6.150  0.038  
31.221 5 AA_G5G6:C13C14_AA   A 5 ? A 14 ? A 6 ? A 13 ? 
1 A G 6 1_555 A C   13 1_555 A G 7 1_555 A C   12 1_555 -0.040 -2.142 3.165 1.647  0.329  28.991 -4.341 0.429  3.134 0.657  -3.286 
29.039 6 AA_G6G7:C12C13_AA   A 6 ? A 13 ? A 7 ? A 12 ? 
# 
_pdbx_audit_support.funding_organization   'Cancer Research UK' 
_pdbx_audit_support.country                'United Kingdom' 
_pdbx_audit_support.grant_number           A18604 
_pdbx_audit_support.ordinal                1 
# 
_atom_sites.entry_id                    6HBX 
_atom_sites.fract_transf_matrix[1][1]   0.01590888 
_atom_sites.fract_transf_matrix[1][2]   0.00556938 
_atom_sites.fract_transf_matrix[1][3]   -0.01183236 
_atom_sites.fract_transf_matrix[2][1]   0.01920561 
_atom_sites.fract_transf_matrix[2][2]   -0.00488932 
_atom_sites.fract_transf_matrix[2][3]   0.00559929 
_atom_sites.fract_transf_matrix[3][1]   -0.00053859 
_atom_sites.fract_transf_matrix[3][2]   -0.00638864 
_atom_sites.fract_transf_matrix[3][3]   -0.00373122 
_atom_sites.fract_transf_vector[1]      0.481524 
_atom_sites.fract_transf_vector[2]      0.591370 
_atom_sites.fract_transf_vector[3]      0.408915 
# 
loop_
_atom_type.symbol 
BR 
C  
N  
NA 
O  
P  
S  
# 
loop_
_atom_site.group_PDB 
_atom_site.id 
_atom_site.type_symbol 
_atom_site.label_atom_id 
_atom_site.label_alt_id 
_atom_site.label_comp_id 
_atom_site.label_asym_id 
_atom_site.label_entity_id 
_atom_site.label_seq_id 
_atom_site.pdbx_PDB_ins_code 
_atom_site.Cartn_x 
_atom_site.Cartn_y 
_atom_site.Cartn_z 
_atom_site.occupancy 
_atom_site.B_iso_or_equiv 
_atom_site.pdbx_formal_charge 
_atom_site.auth_seq_id 
_atom_site.auth_comp_id 
_atom_site.auth_asym_id 
_atom_site.auth_atom_id 
_atom_site.pdbx_PDB_model_num 
ATOM   1   O  "O5'" . G   A 1 1  ? -5.641  -1.938  -12.354 1.00 38.54 ? 1   G   A "O5'" 1 
ATOM   2   C  "C5'" . G   A 1 1  ? -6.897  -1.490  -12.841 1.00 38.63 ? 1   G   A "C5'" 1 
ATOM   3   C  "C4'" . G   A 1 1  ? -8.042  -2.193  -12.155 1.00 32.09 ? 1   G   A "C4'" 1 
ATOM   4   O  "O4'" . G   A 1 1  ? -7.988  -3.622  -12.395 1.00 33.16 ? 1   G   A "O4'" 1 
ATOM   5   C  "C3'" . G   A 1 1  ? -8.073  -2.084  -10.643 1.00 30.87 ? 1   G   A "C3'" 1 
ATOM   6   O  "O3'" . G   A 1 1  ? -8.588  -0.838  -10.222 1.00 35.02 ? 1   G   A "O3'" 1 
ATOM   7   C  "C2'" . G   A 1 1  ? -8.944  -3.267  -10.273 1.00 31.05 ? 1   G   A "C2'" 1 
ATOM   8   O  "O2'" . G   A 1 1  ? -10.295 -2.977  -10.608 1.00 33.12 ? 1   G   A "O2'" 1 
ATOM   9   C  "C1'" . G   A 1 1  ? -8.414  -4.316  -11.246 1.00 30.10 ? 1   G   A "C1'" 1 
ATOM   10  N  N9    . G   A 1 1  ? -7.237  -4.988  -10.677 1.00 29.15 ? 1   G   A N9    1 
ATOM   11  C  C8    . G   A 1 1  ? -5.919  -4.813  -11.031 1.00 30.47 ? 1   G   A C8    1 
ATOM   12  N  N7    . G   A 1 1  ? -5.115  -5.534  -10.298 1.00 30.37 ? 1   G   A N7    1 
ATOM   13  C  C5    . G   A 1 1  ? -5.952  -6.202  -9.413  1.00 29.13 ? 1   G   A C5    1 
ATOM   14  C  C6    . G   A 1 1  ? -5.663  -7.121  -8.373  1.00 27.66 ? 1   G   A C6    1 
ATOM   15  O  O6    . G   A 1 1  ? -4.591  -7.550  -7.990  1.00 29.25 ? 1   G   A O6    1 
ATOM   16  N  N1    . G   A 1 1  ? -6.798  -7.561  -7.717  1.00 27.83 ? 1   G   A N1    1 
ATOM   17  C  C2    . G   A 1 1  ? -8.057  -7.165  -8.017  1.00 24.34 ? 1   G   A C2    1 
ATOM   18  N  N2    . G   A 1 1  ? -9.004  -7.717  -7.254  1.00 28.60 ? 1   G   A N2    1 
ATOM   19  N  N3    . G   A 1 1  ? -8.347  -6.303  -8.980  1.00 27.08 ? 1   G   A N3    1 
ATOM   20  C  C4    . G   A 1 1  ? -7.256  -5.870  -9.632  1.00 27.56 ? 1   G   A C4    1 
ATOM   21  P  P     . G   A 1 2  ? -8.095  -0.158  -8.851  1.00 37.58 ? 2   G   A P     1 
ATOM   22  O  OP1   . G   A 1 2  ? -8.709  1.180   -8.886  1.00 38.20 ? 2   G   A OP1   1 
ATOM   23  O  OP2   . G   A 1 2  ? -6.618  -0.280  -8.738  1.00 38.08 ? 2   G   A OP2   1 
ATOM   24  O  "O5'" . G   A 1 2  ? -8.729  -1.054  -7.725  1.00 34.75 ? 2   G   A "O5'" 1 
ATOM   25  C  "C5'" . G   A 1 2  ? -10.124 -1.241  -7.635  1.00 37.42 ? 2   G   A "C5'" 1 
ATOM   26  C  "C4'" . G   A 1 2  ? -10.455 -2.367  -6.699  1.00 29.82 ? 2   G   A "C4'" 1 
ATOM   27  O  "O4'" . G   A 1 2  ? -9.865  -3.611  -7.151  1.00 29.37 ? 2   G   A "O4'" 1 
ATOM   28  C  "C3'" . G   A 1 2  ? -9.959  -2.236  -5.265  1.00 29.61 ? 2   G   A "C3'" 1 
ATOM   29  O  "O3'" . G   A 1 2  ? -10.753 -1.335  -4.518  1.00 30.87 ? 2   G   A "O3'" 1 
ATOM   30  C  "C2'" . G   A 1 2  ? -10.047 -3.670  -4.789  1.00 28.08 ? 2   G   A "C2'" 1 
ATOM   31  O  "O2'" . G   A 1 2  ? -11.414 -4.025  -4.597  1.00 31.04 ? 2   G   A "O2'" 1 
ATOM   32  C  "C1'" . G   A 1 2  ? -9.534  -4.404  -6.026  1.00 29.04 ? 2   G   A "C1'" 1 
ATOM   33  N  N9    . G   A 1 2  ? -8.072  -4.541  -5.981  1.00 26.10 ? 2   G   A N9    1 
ATOM   34  C  C8    . G   A 1 2  ? -7.110  -3.889  -6.693  1.00 29.64 ? 2   G   A C8    1 
ATOM   35  N  N7    . G   A 1 2  ? -5.904  -4.301  -6.371  1.00 29.67 ? 2   G   A N7    1 
ATOM   36  C  C5    . G   A 1 2  ? -6.104  -5.250  -5.382  1.00 27.74 ? 2   G   A C5    1 
ATOM   37  C  C6    . G   A 1 2  ? -5.167  -6.046  -4.660  1.00 25.82 ? 2   G   A C6    1 
ATOM   38  O  O6    . G   A 1 2  ? -3.937  -6.024  -4.745  1.00 29.53 ? 2   G   A O6    1 
ATOM   39  N  N1    . G   A 1 2  ? -5.822  -6.880  -3.768  1.00 26.65 ? 2   G   A N1    1 
ATOM   40  C  C2    . G   A 1 2  ? -7.174  -6.966  -3.585  1.00 25.66 ? 2   G   A C2    1 
ATOM   41  N  N2    . G   A 1 2  ? -7.597  -7.859  -2.668  1.00 28.85 ? 2   G   A N2    1 
ATOM   42  N  N3    . G   A 1 2  ? -8.062  -6.252  -4.269  1.00 28.11 ? 2   G   A N3    1 
ATOM   43  C  C4    . G   A 1 2  ? -7.436  -5.419  -5.127  1.00 25.44 ? 2   G   A C4    1 
ATOM   44  P  P     . U   A 1 3  ? -10.134 -0.527  -3.278  1.00 31.68 ? 3   U   A P     1 
ATOM   45  O  OP1   . U   A 1 3  ? -11.193 0.412   -2.782  1.00 33.44 ? 3   U   A OP1   1 
ATOM   46  O  OP2   . U   A 1 3  ? -8.798  -0.011  -3.649  1.00 34.78 ? 3   U   A OP2   1 
ATOM   47  O  "O5'" . U   A 1 3  ? -9.904  -1.632  -2.187  1.00 29.23 ? 3   U   A "O5'" 1 
ATOM   48  C  "C5'" . U   A 1 3  ? -10.987 -2.369  -1.642  1.00 29.80 ? 3   U   A "C5'" 1 
ATOM   49  C  "C4'" . U   A 1 3  ? -10.479 -3.496  -0.780  1.00 26.52 ? 3   U   A "C4'" 1 
ATOM   50  O  "O4'" . U   A 1 3  ? -9.608  -4.363  -1.548  1.00 25.61 ? 3   U   A "O4'" 1 
ATOM   51  C  "C3'" . U   A 1 3  ? -9.611  -3.073  0.385   1.00 24.32 ? 3   U   A "C3'" 1 
ATOM   52  O  "O3'" . U   A 1 3  ? -10.378 -2.577  1.462   1.00 29.22 ? 3   U   A "O3'" 1 
ATOM   53  C  "C2'" . U   A 1 3  ? -8.839  -4.349  0.699   1.00 26.22 ? 3   U   A "C2'" 1 
ATOM   54  O  "O2'" . U   A 1 3  ? -9.656  -5.271  1.412   1.00 28.43 ? 3   U   A "O2'" 1 
ATOM   55  C  "C1'" . U   A 1 3  ? -8.600  -4.890  -0.706  1.00 24.86 ? 3   U   A "C1'" 1 
ATOM   56  N  N1    . U   A 1 3  ? -7.293  -4.466  -1.250  1.00 25.61 ? 3   U   A N1    1 
ATOM   57  C  C2    . U   A 1 3  ? -6.199  -5.155  -0.764  1.00 27.80 ? 3   U   A C2    1 
ATOM   58  O  O2    . U   A 1 3  ? -6.339  -6.018  0.094   1.00 29.03 ? 3   U   A O2    1 
ATOM   59  N  N3    . U   A 1 3  ? -4.986  -4.765  -1.295  1.00 26.52 ? 3   U   A N3    1 
ATOM   60  C  C4    . U   A 1 3  ? -4.788  -3.775  -2.230  1.00 27.52 ? 3   U   A C4    1 
ATOM   61  O  O4    . U   A 1 3  ? -3.644  -3.518  -2.606  1.00 28.43 ? 3   U   A O4    1 
ATOM   62  C  C5    . U   A 1 3  ? -5.977  -3.097  -2.692  1.00 30.09 ? 3   U   A C5    1 
ATOM   63  C  C6    . U   A 1 3  ? -7.161  -3.475  -2.180  1.00 24.86 ? 3   U   A C6    1 
ATOM   64  P  P     . G   A 1 4  ? -9.751  -1.451  2.398   1.00 30.63 ? 4   G   A P     1 
ATOM   65  O  OP1   . G   A 1 4  ? -10.816 -1.054  3.355   1.00 37.35 ? 4   G   A OP1   1 
ATOM   66  O  OP2   . G   A 1 4  ? -9.094  -0.411  1.577   1.00 32.93 ? 4   G   A OP2   1 
ATOM   67  O  "O5'" . G   A 1 4  ? -8.632  -2.220  3.217   1.00 26.45 ? 4   G   A "O5'" 1 
ATOM   68  C  "C5'" . G   A 1 4  ? -9.047  -3.137  4.212   1.00 29.32 ? 4   G   A "C5'" 1 
ATOM   69  C  "C4'" . G   A 1 4  ? -7.889  -3.743  4.952   1.00 29.97 ? 4   G   A "C4'" 1 
ATOM   70  O  "O4'" . G   A 1 4  ? -7.142  -4.603  4.068   1.00 30.16 ? 4   G   A "O4'" 1 
ATOM   71  C  "C3'" . G   A 1 4  ? -6.832  -2.805  5.492   1.00 26.39 ? 4   G   A "C3'" 1 
ATOM   72  O  "O3'" . G   A 1 4  ? -7.237  -2.152  6.676   1.00 36.52 ? 4   G   A "O3'" 1 
ATOM   73  C  "C2'" . G   A 1 4  ? -5.686  -3.753  5.721   1.00 26.52 ? 4   G   A "C2'" 1 
ATOM   74  O  "O2'" . G   A 1 4  ? -5.959  -4.606  6.835   1.00 31.50 ? 4   G   A "O2'" 1 
ATOM   75  C  "C1'" . G   A 1 4  ? -5.791  -4.601  4.457   1.00 30.23 ? 4   G   A "C1'" 1 
ATOM   76  N  N9    . G   A 1 4  ? -5.026  -3.999  3.355   1.00 29.02 ? 4   G   A N9    1 
ATOM   77  C  C8    . G   A 1 4  ? -5.501  -3.185  2.391   1.00 30.50 ? 4   G   A C8    1 
ATOM   78  N  N7    . G   A 1 4  ? -4.582  -2.809  1.560   1.00 24.57 ? 4   G   A N7    1 
ATOM   79  C  C5    . G   A 1 4  ? -3.425  -3.458  1.981   1.00 26.62 ? 4   G   A C5    1 
ATOM   80  C  C6    . G   A 1 4  ? -2.096  -3.427  1.490   1.00 32.20 ? 4   G   A C6    1 
ATOM   81  O  O6    . G   A 1 4  ? -1.622  -2.838  0.501   1.00 29.29 ? 4   G   A O6    1 
ATOM   82  N  N1    . G   A 1 4  ? -1.257  -4.230  2.270   1.00 28.34 ? 4   G   A N1    1 
ATOM   83  C  C2    . G   A 1 4  ? -1.633  -4.913  3.393   1.00 36.14 ? 4   G   A C2    1 
ATOM   84  N  N2    . G   A 1 4  ? -0.669  -5.611  4.023   1.00 30.39 ? 4   G   A N2    1 
ATOM   85  N  N3    . G   A 1 4  ? -2.871  -4.933  3.857   1.00 32.22 ? 4   G   A N3    1 
ATOM   86  C  C4    . G   A 1 4  ? -3.695  -4.184  3.114   1.00 33.65 ? 4   G   A C4    1 
ATOM   87  P  P     . G   A 1 5  ? -6.575  -0.747  7.048   1.00 32.33 ? 5   G   A P     1 
ATOM   88  O  OP1   . G   A 1 5  ? -7.269  -0.277  8.272   1.00 37.00 ? 5   G   A OP1   1 
ATOM   89  O  OP2   . G   A 1 5  ? -6.596  0.106   5.833   1.00 32.84 ? 5   G   A OP2   1 
ATOM   90  O  "O5'" . G   A 1 5  ? -4.981  -0.960  7.196   1.00 37.11 ? 5   G   A "O5'" 1 
ATOM   91  C  "C5'" . G   A 1 5  ? -4.377  -1.603  8.308   1.00 41.69 ? 5   G   A "C5'" 1 
ATOM   92  C  "C4'" . G   A 1 5  ? -2.911  -1.985  8.113   1.00 28.39 ? 5   G   A "C4'" 1 
ATOM   93  O  "O4'" . G   A 1 5  ? -2.672  -2.702  6.876   1.00 29.66 ? 5   G   A "O4'" 1 
ATOM   94  C  "C3'" . G   A 1 5  ? -1.816  -0.922  8.111   1.00 25.80 ? 5   G   A "C3'" 1 
ATOM   95  O  "O3'" . G   A 1 5  ? -1.561  -0.368  9.389   1.00 24.88 ? 5   G   A "O3'" 1 
ATOM   96  C  "C2'" . G   A 1 5  ? -0.628  -1.716  7.585   1.00 27.11 ? 5   G   A "C2'" 1 
ATOM   97  O  "O2'" . G   A 1 5  ? -0.082  -2.547  8.610   1.00 29.67 ? 5   G   A "O2'" 1 
ATOM   98  C  "C1'" . G   A 1 5  ? -1.308  -2.591  6.521   1.00 29.56 ? 5   G   A "C1'" 1 
ATOM   99  N  N9    . G   A 1 5  ? -1.232  -1.930  5.202   1.00 28.26 ? 5   G   A N9    1 
ATOM   100 C  C8    . G   A 1 5  ? -2.217  -1.277  4.521   1.00 32.00 ? 5   G   A C8    1 
ATOM   101 N  N7    . G   A 1 5  ? -1.782  -0.762  3.399   1.00 32.17 ? 5   G   A N7    1 
ATOM   102 C  C5    . G   A 1 5  ? -0.425  -1.080  3.363   1.00 27.55 ? 5   G   A C5    1 
ATOM   103 C  C6    . G   A 1 5  ? 0.601   -0.778  2.398   1.00 28.28 ? 5   G   A C6    1 
ATOM   104 O  O6    . G   A 1 5  ? 0.463   -0.161  1.345   1.00 35.67 ? 5   G   A O6    1 
ATOM   105 N  N1    . G   A 1 5  ? 1.835   -1.285  2.760   1.00 29.24 ? 5   G   A N1    1 
ATOM   106 C  C2    . G   A 1 5  ? 2.077   -1.999  3.900   1.00 30.96 ? 5   G   A C2    1 
ATOM   107 N  N2    . G   A 1 5  ? 3.338   -2.394  4.091   1.00 29.54 ? 5   G   A N2    1 
ATOM   108 N  N3    . G   A 1 5  ? 1.127   -2.287  4.802   1.00 27.38 ? 5   G   A N3    1 
ATOM   109 C  C4    . G   A 1 5  ? -0.079  -1.809  4.455   1.00 28.52 ? 5   G   A C4    1 
ATOM   110 P  P     . G   A 1 6  ? -1.122  1.170   9.492   1.00 25.25 ? 6   G   A P     1 
ATOM   111 O  OP1   . G   A 1 6  ? -1.196  1.473   10.943  1.00 25.56 ? 6   G   A OP1   1 
ATOM   112 O  OP2   . G   A 1 6  ? -1.892  1.965   8.502   1.00 27.65 ? 6   G   A OP2   1 
ATOM   113 O  "O5'" . G   A 1 6  ? 0.361   1.147   8.962   1.00 23.27 ? 6   G   A "O5'" 1 
ATOM   114 C  "C5'" . G   A 1 6  ? 1.356   0.596   9.800   1.00 23.15 ? 6   G   A "C5'" 1 
ATOM   115 C  "C4'" . G   A 1 6  ? 2.697   0.519   9.111   1.00 25.63 ? 6   G   A "C4'" 1 
ATOM   116 O  "O4'" . G   A 1 6  ? 2.594   -0.249  7.895   1.00 25.72 ? 6   G   A "O4'" 1 
ATOM   117 C  "C3'" . G   A 1 6  ? 3.303   1.826   8.644   1.00 24.14 ? 6   G   A "C3'" 1 
ATOM   118 O  "O3'" . G   A 1 6  ? 3.822   2.586   9.715   1.00 26.07 ? 6   G   A "O3'" 1 
ATOM   119 C  "C2'" . G   A 1 6  ? 4.345   1.320   7.645   1.00 25.30 ? 6   G   A "C2'" 1 
ATOM   120 O  "O2'" . G   A 1 6  ? 5.443   0.720   8.342   1.00 26.02 ? 6   G   A "O2'" 1 
ATOM   121 C  "C1'" . G   A 1 6  ? 3.539   0.217   6.949   1.00 26.92 ? 6   G   A "C1'" 1 
ATOM   122 N  N9    . G   A 1 6  ? 2.799   0.803   5.818   1.00 23.78 ? 6   G   A N9    1 
ATOM   123 C  C8    . G   A 1 6  ? 1.496   1.176   5.757   1.00 22.71 ? 6   G   A C8    1 
ATOM   124 N  N7    . G   A 1 6  ? 1.201   1.758   4.616   1.00 24.14 ? 6   G   A N7    1 
ATOM   125 C  C5    . G   A 1 6  ? 2.400   1.778   3.906   1.00 23.77 ? 6   G   A C5    1 
ATOM   126 C  C6    . G   A 1 6  ? 2.699   2.286   2.611   1.00 24.94 ? 6   G   A C6    1 
ATOM   127 O  O6    . G   A 1 6  ? 1.939   2.840   1.810   1.00 26.23 ? 6   G   A O6    1 
ATOM   128 N  N1    . G   A 1 6  ? 4.047   2.118   2.296   1.00 24.32 ? 6   G   A N1    1 
ATOM   129 C  C2    . G   A 1 6  ? 4.973   1.540   3.110   1.00 25.56 ? 6   G   A C2    1 
ATOM   130 N  N2    . G   A 1 6  ? 6.234   1.490   2.630   1.00 25.41 ? 6   G   A N2    1 
ATOM   131 N  N3    . G   A 1 6  ? 4.695   1.055   4.326   1.00 23.73 ? 6   G   A N3    1 
ATOM   132 C  C4    . G   A 1 6  ? 3.399   1.221   4.637   1.00 24.22 ? 6   G   A C4    1 
ATOM   133 P  P     . G   A 1 7  ? 3.991   4.180   9.558   1.00 26.39 ? 7   G   A P     1 
ATOM   134 O  OP1   . G   A 1 7  ? 4.427   4.632   10.904  1.00 30.30 ? 7   G   A OP1   1 
ATOM   135 O  OP2   . G   A 1 7  ? 2.792   4.720   8.893   1.00 27.88 ? 7   G   A OP2   1 
ATOM   136 O  "O5'" . G   A 1 7  ? 5.182   4.328   8.536   1.00 25.39 ? 7   G   A "O5'" 1 
ATOM   137 C  "C5'" . G   A 1 7  ? 6.482   3.870   8.857   1.00 28.51 ? 7   G   A "C5'" 1 
ATOM   138 C  "C4'" . G   A 1 7  ? 7.444   4.081   7.710   1.00 27.08 ? 7   G   A "C4'" 1 
ATOM   139 O  "O4'" . G   A 1 7  ? 7.013   3.322   6.545   1.00 28.28 ? 7   G   A "O4'" 1 
ATOM   140 C  "C3'" . G   A 1 7  ? 7.539   5.495   7.186   1.00 26.42 ? 7   G   A "C3'" 1 
ATOM   141 O  "O3'" . G   A 1 7  ? 8.292   6.324   8.055   1.00 30.48 ? 7   G   A "O3'" 1 
ATOM   142 C  "C2'" . G   A 1 7  ? 8.150   5.268   5.814   1.00 27.01 ? 7   G   A "C2'" 1 
ATOM   143 O  "O2'" . G   A 1 7  ? 9.519   4.913   5.958   1.00 30.24 ? 7   G   A "O2'" 1 
ATOM   144 C  "C1'" . G   A 1 7  ? 7.368   4.021   5.368   1.00 28.71 ? 7   G   A "C1'" 1 
ATOM   145 N  N9    . G   A 1 7  ? 6.134   4.432   4.675   1.00 27.24 ? 7   G   A N9    1 
ATOM   146 C  C8    . G   A 1 7  ? 4.858   4.525   5.173   1.00 26.35 ? 7   G   A C8    1 
ATOM   147 N  N7    . G   A 1 7  ? 4.003   4.971   4.317   1.00 26.78 ? 7   G   A N7    1 
ATOM   148 C  C5    . G   A 1 7  ? 4.755   5.182   3.174   1.00 25.56 ? 7   G   A C5    1 
ATOM   149 C  C6    . G   A 1 7  ? 4.368   5.691   1.911   1.00 25.55 ? 7   G   A C6    1 
ATOM   150 O  O6    . G   A 1 7  ? 3.240   6.027   1.550   1.00 30.55 ? 7   G   A O6    1 
ATOM   151 N  N1    . G   A 1 7  ? 5.448   5.785   1.032   1.00 27.55 ? 7   G   A N1    1 
ATOM   152 C  C2    . G   A 1 7  ? 6.729   5.436   1.325   1.00 26.22 ? 7   G   A C2    1 
ATOM   153 N  N2    . G   A 1 7  ? 7.619   5.600   0.344   1.00 28.95 ? 7   G   A N2    1 
ATOM   154 N  N3    . G   A 1 7  ? 7.103   4.973   2.517   1.00 28.84 ? 7   G   A N3    1 
ATOM   155 C  C4    . G   A 1 7  ? 6.070   4.874   3.374   1.00 26.13 ? 7   G   A C4    1 
ATOM   156 P  P     . A   A 1 8  ? 8.194   7.920   7.930   1.00 28.09 ? 8   A   A P     1 
ATOM   157 O  OP1   . A   A 1 8  ? 8.505   8.328   6.540   1.00 26.92 ? 8   A   A OP1   1 
ATOM   158 O  OP2   . A   A 1 8  ? 9.004   8.483   9.054   1.00 31.00 ? 8   A   A OP2   1 
ATOM   159 O  "O5'" . A   A 1 8  ? 6.666   8.251   8.112   1.00 26.70 ? 8   A   A "O5'" 1 
ATOM   160 C  "C5'" . A   A 1 8  ? 6.000   8.025   9.343   1.00 31.98 ? 8   A   A "C5'" 1 
ATOM   161 C  "C4'" . A   A 1 8  ? 5.200   9.234   9.744   1.00 29.81 ? 8   A   A "C4'" 1 
ATOM   162 O  "O4'" . A   A 1 8  ? 6.108   10.320  10.074  1.00 32.39 ? 8   A   A "O4'" 1 
ATOM   163 C  "C3'" . A   A 1 8  ? 4.310   9.815   8.663   1.00 28.62 ? 8   A   A "C3'" 1 
ATOM   164 O  "O3'" . A   A 1 8  ? 3.083   9.118   8.545   1.00 34.34 ? 8   A   A "O3'" 1 
ATOM   165 C  "C2'" . A   A 1 8  ? 4.151   11.257  9.108   1.00 39.09 ? 8   A   A "C2'" 1 
ATOM   166 O  "O2'" . A   A 1 8  ? 3.220   11.337  10.182  1.00 40.05 ? 8   A   A "O2'" 1 
ATOM   167 C  "C1'" . A   A 1 8  ? 5.553   11.552  9.647   1.00 31.28 ? 8   A   A "C1'" 1 
ATOM   168 N  N9    . A   A 1 8  ? 6.440   12.097  8.600   1.00 30.29 ? 8   A   A N9    1 
ATOM   169 C  C8    . A   A 1 8  ? 7.693   11.648  8.277   1.00 31.16 ? 8   A   A C8    1 
ATOM   170 N  N7    . A   A 1 8  ? 8.252   12.302  7.292   1.00 31.76 ? 8   A   A N7    1 
ATOM   171 C  C5    . A   A 1 8  ? 7.319   13.272  6.968   1.00 29.32 ? 8   A   A C5    1 
ATOM   172 C  C6    . A   A 1 8  ? 7.317   14.294  6.000   1.00 33.12 ? 8   A   A C6    1 
ATOM   173 N  N6    . A   A 1 8  ? 8.332   14.516  5.155   1.00 34.80 ? 8   A   A N6    1 
ATOM   174 N  N1    . A   A 1 8  ? 6.223   15.084  5.909   1.00 30.91 ? 8   A   A N1    1 
ATOM   175 C  C2    . A   A 1 8  ? 5.208   14.865  6.755   1.00 32.04 ? 8   A   A C2    1 
ATOM   176 N  N3    . A   A 1 8  ? 5.101   13.924  7.690   1.00 34.07 ? 8   A   A N3    1 
ATOM   177 C  C4    . A   A 1 8  ? 6.198   13.160  7.757   1.00 28.56 ? 8   A   A C4    1 
ATOM   178 P  P     . C   A 1 9  ? 2.479   8.793   7.105   1.00 32.53 ? 9   C   A P     1 
ATOM   179 O  OP1   . C   A 1 9  ? 1.120   8.222   7.276   1.00 35.55 ? 9   C   A OP1   1 
ATOM   180 O  OP2   . C   A 1 9  ? 3.471   8.064   6.293   1.00 32.87 ? 9   C   A OP2   1 
ATOM   181 O  "O5'" . C   A 1 9  ? 2.351   10.215  6.416   1.00 33.49 ? 9   C   A "O5'" 1 
ATOM   182 C  "C5'" . C   A 1 9  ? 1.288   11.103  6.726   1.00 32.81 ? 9   C   A "C5'" 1 
ATOM   183 C  "C4'" . C   A 1 9  ? 1.133   12.124  5.633   1.00 33.15 ? 9   C   A "C4'" 1 
ATOM   184 O  "O4'" . C   A 1 9  ? 2.273   13.006  5.608   1.00 31.64 ? 9   C   A "O4'" 1 
ATOM   185 C  "C3'" . C   A 1 9  ? 1.094   11.548  4.236   1.00 32.63 ? 9   C   A "C3'" 1 
ATOM   186 O  "O3'" . C   A 1 9  ? -0.178  11.057  3.901   1.00 39.20 ? 9   C   A "O3'" 1 
ATOM   187 C  "C2'" . C   A 1 9  ? 1.541   12.715  3.379   1.00 31.05 ? 9   C   A "C2'" 1 
ATOM   188 O  "O2'" . C   A 1 9  ? 0.484   13.648  3.207   1.00 35.93 ? 9   C   A "O2'" 1 
ATOM   189 C  "C1'" . C   A 1 9  ? 2.588   13.349  4.279   1.00 32.12 ? 9   C   A "C1'" 1 
ATOM   190 N  N1    . C   A 1 9  ? 3.956   12.878  3.982   1.00 30.19 ? 9   C   A N1    1 
ATOM   191 C  C2    . C   A 1 9  ? 4.555   13.368  2.825   1.00 28.47 ? 9   C   A C2    1 
ATOM   192 O  O2    . C   A 1 9  ? 3.891   14.127  2.100   1.00 31.97 ? 9   C   A O2    1 
ATOM   193 N  N3    . C   A 1 9  ? 5.820   13.002  2.522   1.00 30.78 ? 9   C   A N3    1 
ATOM   194 C  C4    . C   A 1 9  ? 6.482   12.179  3.344   1.00 33.60 ? 9   C   A C4    1 
ATOM   195 N  N4    . C   A 1 9  ? 7.740   11.857  3.003   1.00 35.05 ? 9   C   A N4    1 
ATOM   196 C  C5    . C   A 1 9  ? 5.881   11.659  4.536   1.00 31.43 ? 9   C   A C5    1 
ATOM   197 C  C6    . C   A 1 9  ? 4.635   12.042  4.831   1.00 28.56 ? 9   C   A C6    1 
ATOM   198 P  P     . G   A 1 10 ? -0.298  9.638   3.166   1.00 38.73 ? 10  G   A P     1 
ATOM   199 O  OP1   . G   A 1 10 ? -1.712  9.244   3.348   1.00 47.42 ? 10  G   A OP1   1 
ATOM   200 O  OP2   . G   A 1 10 ? 0.796   8.708   3.578   1.00 35.33 ? 10  G   A OP2   1 
ATOM   201 O  "O5'" . G   A 1 10 ? -0.083  10.032  1.645   1.00 38.89 ? 10  G   A "O5'" 1 
ATOM   202 C  "C5'" . G   A 1 10 ? -0.860  11.062  1.055   1.00 42.95 ? 10  G   A "C5'" 1 
ATOM   203 C  "C4'" . G   A 1 10 ? -0.318  11.447  -0.296  1.00 40.98 ? 10  G   A "C4'" 1 
ATOM   204 O  "O4'" . G   A 1 10 ? 0.923   12.168  -0.119  1.00 40.06 ? 10  G   A "O4'" 1 
ATOM   205 C  "C3'" . G   A 1 10 ? 0.063   10.302  -1.217  1.00 41.87 ? 10  G   A "C3'" 1 
ATOM   206 O  "O3'" . G   A 1 10 ? -1.033  9.740   -1.912  1.00 44.68 ? 10  G   A "O3'" 1 
ATOM   207 C  "C2'" . G   A 1 10 ? 1.077   10.959  -2.134  1.00 41.27 ? 10  G   A "C2'" 1 
ATOM   208 O  "O2'" . G   A 1 10 ? 0.424   11.823  -3.041  1.00 46.84 ? 10  G   A "O2'" 1 
ATOM   209 C  "C1'" . G   A 1 10 ? 1.824   11.831  -1.148  1.00 36.52 ? 10  G   A "C1'" 1 
ATOM   210 N  N9    . G   A 1 10 ? 2.959   11.114  -0.548  1.00 30.67 ? 10  G   A N9    1 
ATOM   211 C  C8    . G   A 1 10 ? 3.042   10.577  0.715   1.00 26.58 ? 10  G   A C8    1 
ATOM   212 N  N7    . G   A 1 10 ? 4.194   10.003  0.926   1.00 28.54 ? 10  G   A N7    1 
ATOM   213 C  C5    . G   A 1 10 ? 4.897   10.186  -0.259  1.00 27.70 ? 10  G   A C5    1 
ATOM   214 C  C6    . G   A 1 10 ? 6.211   9.822   -0.631  1.00 28.59 ? 10  G   A C6    1 
ATOM   215 O  O6    . G   A 1 10 ? 7.071   9.212   0.016   1.00 30.34 ? 10  G   A O6    1 
ATOM   216 N  N1    . G   A 1 10 ? 6.499   10.214  -1.929  1.00 28.74 ? 10  G   A N1    1 
ATOM   217 C  C2    . G   A 1 10 ? 5.646   10.875  -2.773  1.00 28.63 ? 10  G   A C2    1 
ATOM   218 N  N2    . G   A 1 10 ? 6.123   11.168  -3.998  1.00 33.20 ? 10  G   A N2    1 
ATOM   219 N  N3    . G   A 1 10 ? 4.431   11.251  -2.435  1.00 35.45 ? 10  G   A N3    1 
ATOM   220 C  C4    . G   A 1 10 ? 4.139   10.878  -1.172  1.00 30.44 ? 10  G   A C4    1 
ATOM   221 P  P     . A   A 1 11 ? -0.858  8.353   -2.697  1.00 43.11 ? 11  A   A P     1 
ATOM   222 O  OP1   . A   A 1 11 ? -2.229  7.917   -3.075  1.00 50.83 ? 11  A   A OP1   1 
ATOM   223 O  OP2   . A   A 1 11 ? -0.010  7.397   -1.958  1.00 37.97 ? 11  A   A OP2   1 
ATOM   224 O  "O5'" . A   A 1 11 ? -0.149  8.770   -4.052  1.00 46.90 ? 11  A   A "O5'" 1 
ATOM   225 C  "C5'" . A   A 1 11 ? -0.940  9.284   -5.118  1.00 54.56 ? 11  A   A "C5'" 1 
ATOM   226 C  "C4'" . A   A 1 11 ? -0.142  9.517   -6.374  1.00 56.52 ? 11  A   A "C4'" 1 
ATOM   227 O  "O4'" . A   A 1 11 ? -0.168  10.928  -6.676  1.00 68.63 ? 11  A   A "O4'" 1 
ATOM   228 C  "C3'" . A   A 1 11 ? 1.327   9.131   -6.301  1.00 55.57 ? 11  A   A "C3'" 1 
ATOM   229 O  "O3'" . A   A 1 11 ? 1.776   8.753   -7.601  1.00 44.04 ? 11  A   A "O3'" 1 
ATOM   230 C  "C2'" . A   A 1 11 ? 1.995   10.431  -5.887  1.00 68.87 ? 11  A   A "C2'" 1 
ATOM   231 O  "O2'" . A   A 1 11 ? 3.353   10.533  -6.255  1.00 72.26 ? 11  A   A "O2'" 1 
ATOM   232 C  "C1'" . A   A 1 11 ? 1.139   11.467  -6.607  1.00 73.79 ? 11  A   A "C1'" 1 
ATOM   233 N  N9    . A   A 1 11 ? 1.042   12.722  -5.873  1.00 76.84 ? 11  A   A N9    1 
ATOM   234 C  C8    . A   A 1 11 ? 1.878   13.183  -4.888  1.00 78.03 ? 11  A   A C8    1 
ATOM   235 N  N7    . A   A 1 11 ? 1.508   14.344  -4.402  1.00 80.18 ? 11  A   A N7    1 
ATOM   236 C  C5    . A   A 1 11 ? 0.370   14.667  -5.133  1.00 78.00 ? 11  A   A C5    1 
ATOM   237 C  C6    . A   A 1 11 ? -0.491  15.774  -5.103  1.00 75.10 ? 11  A   A C6    1 
ATOM   238 N  N6    . A   A 1 11 ? -0.320  16.817  -4.280  1.00 73.70 ? 11  A   A N6    1 
ATOM   239 N  N1    . A   A 1 11 ? -1.539  15.756  -5.963  1.00 75.68 ? 11  A   A N1    1 
ATOM   240 C  C2    . A   A 1 11 ? -1.717  14.702  -6.776  1.00 75.08 ? 11  A   A C2    1 
ATOM   241 N  N3    . A   A 1 11 ? -0.963  13.622  -6.902  1.00 74.68 ? 11  A   A N3    1 
ATOM   242 C  C4    . A   A 1 11 ? 0.069   13.668  -6.041  1.00 76.58 ? 11  A   A C4    1 
ATOM   243 P  P     . C   A 1 12 ? 2.303   7.263   -7.819  1.00 43.44 ? 12  C   A P     1 
ATOM   244 O  OP1   . C   A 1 12 ? 2.460   6.997   -9.275  1.00 47.77 ? 12  C   A OP1   1 
ATOM   245 O  OP2   . C   A 1 12 ? 1.447   6.402   -6.973  1.00 43.33 ? 12  C   A OP2   1 
ATOM   246 O  "O5'" . C   A 1 12 ? 3.739   7.263   -7.145  1.00 40.90 ? 12  C   A "O5'" 1 
ATOM   247 C  "C5'" . C   A 1 12 ? 4.883   7.711   -7.840  1.00 37.88 ? 12  C   A "C5'" 1 
ATOM   248 C  "C4'" . C   A 1 12 ? 6.115   7.443   -7.031  1.00 36.98 ? 12  C   A "C4'" 1 
ATOM   249 O  "O4'" . C   A 1 12 ? 6.152   8.317   -5.866  1.00 34.20 ? 12  C   A "O4'" 1 
ATOM   250 C  "C3'" . C   A 1 12 ? 6.208   6.047   -6.439  1.00 30.36 ? 12  C   A "C3'" 1 
ATOM   251 O  "O3'" . C   A 1 12 ? 6.701   5.099   -7.358  1.00 37.27 ? 12  C   A "O3'" 1 
ATOM   252 C  "C2'" . C   A 1 12 ? 7.145   6.260   -5.269  1.00 31.64 ? 12  C   A "C2'" 1 
ATOM   253 O  "O2'" . C   A 1 12 ? 8.471   6.428   -5.753  1.00 34.06 ? 12  C   A "O2'" 1 
ATOM   254 C  "C1'" . C   A 1 12 ? 6.660   7.606   -4.759  1.00 33.86 ? 12  C   A "C1'" 1 
ATOM   255 N  N1    . C   A 1 12 ? 5.571   7.470   -3.762  1.00 32.10 ? 12  C   A N1    1 
ATOM   256 C  C2    . C   A 1 12 ? 5.861   6.974   -2.497  1.00 27.16 ? 12  C   A C2    1 
ATOM   257 O  O2    . C   A 1 12 ? 7.005   6.610   -2.250  1.00 29.44 ? 12  C   A O2    1 
ATOM   258 N  N3    . C   A 1 12 ? 4.876   6.893   -1.583  1.00 27.28 ? 12  C   A N3    1 
ATOM   259 C  C4    . C   A 1 12 ? 3.657   7.292   -1.871  1.00 28.35 ? 12  C   A C4    1 
ATOM   260 N  N4    . C   A 1 12 ? 2.709   7.182   -0.940  1.00 33.86 ? 12  C   A N4    1 
ATOM   261 C  C5    . C   A 1 12 ? 3.317   7.797   -3.155  1.00 33.72 ? 12  C   A C5    1 
ATOM   262 C  C6    . C   A 1 12 ? 4.305   7.884   -4.056  1.00 32.95 ? 12  C   A C6    1 
ATOM   263 P  P     . C   A 1 13 ? 6.268   3.565   -7.251  1.00 36.72 ? 13  C   A P     1 
ATOM   264 O  OP1   . C   A 1 13 ? 6.852   2.905   -8.455  1.00 39.84 ? 13  C   A OP1   1 
ATOM   265 O  OP2   . C   A 1 13 ? 4.812   3.448   -7.019  1.00 36.50 ? 13  C   A OP2   1 
ATOM   266 O  "O5'" . C   A 1 13 ? 6.999   3.038   -5.954  1.00 30.73 ? 13  C   A "O5'" 1 
ATOM   267 C  "C5'" . C   A 1 13 ? 8.415   3.081   -5.850  1.00 29.23 ? 13  C   A "C5'" 1 
ATOM   268 C  "C4'" . C   A 1 13 ? 8.841   2.702   -4.465  1.00 26.90 ? 13  C   A "C4'" 1 
ATOM   269 O  "O4'" . C   A 1 13 ? 8.264   3.621   -3.526  1.00 27.06 ? 13  C   A "O4'" 1 
ATOM   270 C  "C3'" . C   A 1 13 ? 8.346   1.351   -3.980  1.00 28.06 ? 13  C   A "C3'" 1 
ATOM   271 O  "O3'" . C   A 1 13 ? 9.102   0.293   -4.505  1.00 30.60 ? 13  C   A "O3'" 1 
ATOM   272 C  "C2'" . C   A 1 13 ? 8.454   1.496   -2.476  1.00 29.58 ? 13  C   A "C2'" 1 
ATOM   273 O  "O2'" . C   A 1 13 ? 9.816   1.391   -2.065  1.00 29.64 ? 13  C   A "O2'" 1 
ATOM   274 C  "C1'" . C   A 1 13 ? 8.020   2.947   -2.302  1.00 27.20 ? 13  C   A "C1'" 1 
ATOM   275 N  N1    . C   A 1 13 ? 6.586   3.098   -1.996  1.00 26.68 ? 13  C   A N1    1 
ATOM   276 C  C2    . C   A 1 13 ? 6.178   2.786   -0.702  1.00 23.65 ? 13  C   A C2    1 
ATOM   277 O  O2    . C   A 1 13 ? 7.013   2.354   0.065   1.00 26.30 ? 13  C   A O2    1 
ATOM   278 N  N3    . C   A 1 13 ? 4.886   2.961   -0.376  1.00 23.91 ? 13  C   A N3    1 
ATOM   279 C  C4    . C   A 1 13 ? 4.002   3.394   -1.264  1.00 26.06 ? 13  C   A C4    1 
ATOM   280 N  N4    . C   A 1 13 ? 2.734   3.542   -0.871  1.00 27.17 ? 13  C   A N4    1 
ATOM   281 C  C5    . C   A 1 13 ? 4.376   3.709   -2.615  1.00 26.08 ? 13  C   A C5    1 
ATOM   282 C  C6    . C   A 1 13 ? 5.681   3.545   -2.906  1.00 25.52 ? 13  C   A C6    1 
ATOM   283 P  P     . C   A 1 14 ? 8.438   -1.149  -4.688  1.00 33.70 ? 14  C   A P     1 
ATOM   284 O  OP1   . C   A 1 14 ? 9.472   -1.951  -5.392  1.00 36.64 ? 14  C   A OP1   1 
ATOM   285 O  OP2   . C   A 1 14 ? 7.068   -1.037  -5.196  1.00 32.08 ? 14  C   A OP2   1 
ATOM   286 O  "O5'" . C   A 1 14 ? 8.343   -1.723  -3.216  1.00 30.07 ? 14  C   A "O5'" 1 
ATOM   287 C  "C5'" . C   A 1 14 ? 9.516   -1.912  -2.445  1.00 27.27 ? 14  C   A "C5'" 1 
ATOM   288 C  "C4'" . C   A 1 14 ? 9.176   -2.262  -1.023  1.00 27.86 ? 14  C   A "C4'" 1 
ATOM   289 O  "O4'" . C   A 1 14 ? 8.457   -1.169  -0.404  1.00 30.02 ? 14  C   A "O4'" 1 
ATOM   290 C  "C3'" . C   A 1 14 ? 8.239   -3.438  -0.834  1.00 29.94 ? 14  C   A "C3'" 1 
ATOM   291 O  "O3'" . C   A 1 14 ? 8.877   -4.683  -0.979  1.00 31.14 ? 14  C   A "O3'" 1 
ATOM   292 C  "C2'" . C   A 1 14 ? 7.685   -3.191  0.567   1.00 29.65 ? 14  C   A "C2'" 1 
ATOM   293 O  "O2'" . C   A 1 14 ? 8.631   -3.515  1.567   1.00 34.45 ? 14  C   A "O2'" 1 
ATOM   294 C  "C1'" . C   A 1 14 ? 7.544   -1.681  0.557   1.00 32.23 ? 14  C   A "C1'" 1 
ATOM   295 N  N1    . C   A 1 14 ? 6.191   -1.253  0.196   1.00 29.43 ? 14  C   A N1    1 
ATOM   296 C  C2    . C   A 1 14 ? 5.219   -1.251  1.203   1.00 26.76 ? 14  C   A C2    1 
ATOM   297 O  O2    . C   A 1 14 ? 5.557   -1.684  2.329   1.00 32.03 ? 14  C   A O2    1 
ATOM   298 N  N3    . C   A 1 14 ? 3.999   -0.811  0.885   1.00 29.50 ? 14  C   A N3    1 
ATOM   299 C  C4    . C   A 1 14 ? 3.716   -0.384  -0.342  1.00 29.70 ? 14  C   A C4    1 
ATOM   300 N  N4    . C   A 1 14 ? 2.493   0.043   -0.624  1.00 30.78 ? 14  C   A N4    1 
ATOM   301 C  C5    . C   A 1 14 ? 4.683   -0.396  -1.408  1.00 28.71 ? 14  C   A C5    1 
ATOM   302 C  C6    . C   A 1 14 ? 5.901   -0.824  -1.078  1.00 27.64 ? 14  C   A C6    1 
ATOM   303 P  P     . C   A 1 15 ? 8.024   -5.931  -1.508  1.00 33.16 ? 15  C   A P     1 
ATOM   304 O  OP1   . C   A 1 15 ? 9.025   -7.011  -1.684  1.00 37.18 ? 15  C   A OP1   1 
ATOM   305 O  OP2   . C   A 1 15 ? 7.155   -5.508  -2.627  1.00 37.25 ? 15  C   A OP2   1 
ATOM   306 O  "O5'" . C   A 1 15 ? 7.064   -6.290  -0.304  1.00 30.87 ? 15  C   A "O5'" 1 
ATOM   307 C  "C5'" . C   A 1 15 ? 7.608   -6.811  0.900   1.00 27.52 ? 15  C   A "C5'" 1 
ATOM   308 C  "C4'" . C   A 1 15 ? 6.568   -6.979  1.951   1.00 25.27 ? 15  C   A "C4'" 1 
ATOM   309 O  "O4'" . C   A 1 15 ? 5.948   -5.711  2.274   1.00 24.36 ? 15  C   A "O4'" 1 
ATOM   310 C  "C3'" . C   A 1 15 ? 5.382   -7.846  1.563   1.00 26.35 ? 15  C   A "C3'" 1 
ATOM   311 O  "O3'" . C   A 1 15 ? 5.656   -9.225  1.561   1.00 28.94 ? 15  C   A "O3'" 1 
ATOM   312 C  "C2'" . C   A 1 15 ? 4.354   -7.449  2.587   1.00 25.82 ? 15  C   A "C2'" 1 
ATOM   313 O  "O2'" . C   A 1 15 ? 4.645   -8.055  3.840   1.00 27.06 ? 15  C   A "O2'" 1 
ATOM   314 C  "C1'" . C   A 1 15 ? 4.618   -5.944  2.693   1.00 24.96 ? 15  C   A "C1'" 1 
ATOM   315 N  N1    . C   A 1 15 ? 3.721   -5.186  1.801   1.00 26.70 ? 15  C   A N1    1 
ATOM   316 C  C2    . C   A 1 15 ? 2.424   -4.993  2.252   1.00 23.15 ? 15  C   A C2    1 
ATOM   317 O  O2    . C   A 1 15 ? 2.072   -5.472  3.331   1.00 30.81 ? 15  C   A O2    1 
ATOM   318 N  N3    . C   A 1 15 ? 1.573   -4.291  1.458   1.00 29.46 ? 15  C   A N3    1 
ATOM   319 C  C4    . C   A 1 15 ? 2.017   -3.829  0.290   1.00 24.34 ? 15  C   A C4    1 
ATOM   320 N  N4    . C   A 1 15 ? 1.148   -3.135  -0.490  1.00 32.98 ? 15  C   A N4    1 
ATOM   321 C  C5    . C   A 1 15 ? 3.333   -4.038  -0.205  1.00 28.76 ? 15  C   A C5    1 
ATOM   322 C  C6    . C   A 1 15 ? 4.164   -4.726  0.601   1.00 29.44 ? 15  C   A C6    1 
ATOM   323 P  P     . A   A 1 16 ? 4.904   -10.144 0.486   1.00 29.12 ? 16  A   A P     1 
ATOM   324 O  OP1   . A   A 1 16 ? 5.541   -11.497 0.568   1.00 34.95 ? 16  A   A OP1   1 
ATOM   325 O  OP2   . A   A 1 16 ? 4.692   -9.526  -0.815  1.00 28.51 ? 16  A   A OP2   1 
ATOM   326 O  "O5'" . A   A 1 16 ? 3.453   -10.287 1.089   1.00 25.39 ? 16  A   A "O5'" 1 
ATOM   327 C  "C5'" . A   A 1 16 ? 3.269   -10.902 2.353   1.00 24.94 ? 16  A   A "C5'" 1 
ATOM   328 C  "C4'" . A   A 1 16 ? 1.857   -10.721 2.825   1.00 24.53 ? 16  A   A "C4'" 1 
ATOM   329 O  "O4'" . A   A 1 16 ? 1.542   -9.305  2.898   1.00 25.19 ? 16  A   A "O4'" 1 
ATOM   330 C  "C3'" . A   A 1 16 ? 0.778   -11.282 1.913   1.00 23.47 ? 16  A   A "C3'" 1 
ATOM   331 O  "O3'" . A   A 1 16 ? 0.575   -12.675 2.082   1.00 23.30 ? 16  A   A "O3'" 1 
ATOM   332 C  "C2'" . A   A 1 16 ? -0.434  -10.464 2.324   1.00 23.24 ? 16  A   A "C2'" 1 
ATOM   333 O  "O2'" . A   A 1 16 ? -0.931  -10.922 3.582   1.00 23.51 ? 16  A   A "O2'" 1 
ATOM   334 C  "C1'" . A   A 1 16 ? 0.196   -9.109  2.534   1.00 27.03 ? 16  A   A "C1'" 1 
ATOM   335 N  N9    . A   A 1 16 ? 0.179   -8.259  1.339   1.00 23.60 ? 16  A   A N9    1 
ATOM   336 C  C8    . A   A 1 16 ? 1.205   -7.892  0.509   1.00 24.17 ? 16  A   A C8    1 
ATOM   337 N  N7    . A   A 1 16 ? 0.850   -7.038  -0.423  1.00 26.30 ? 16  A   A N7    1 
ATOM   338 C  C5    . A   A 1 16 ? -0.522  -6.853  -0.154  1.00 26.40 ? 16  A   A C5    1 
ATOM   339 C  C6    . A   A 1 16 ? -1.517  -6.073  -0.768  1.00 28.13 ? 16  A   A C6    1 
ATOM   340 N  N6    . A   A 1 16 ? -1.273  -5.298  -1.817  1.00 27.06 ? 16  A   A N6    1 
ATOM   341 N  N1    . A   A 1 16 ? -2.773  -6.105  -0.256  1.00 26.77 ? 16  A   A N1    1 
ATOM   342 C  C2    . A   A 1 16 ? -3.040  -6.901  0.795   1.00 28.67 ? 16  A   A C2    1 
ATOM   343 N  N3    . A   A 1 16 ? -2.178  -7.688  1.456   1.00 26.54 ? 16  A   A N3    1 
ATOM   344 C  C4    . A   A 1 16 ? -0.937  -7.589  0.931   1.00 26.09 ? 16  A   A C4    1 
HETATM 345 P  P     . CBV A 1 17 ? 0.198   -13.591 0.872   1.00 22.60 ? 17  CBV A P     1 
HETATM 346 O  O1P   . CBV A 1 17 ? 0.303   -14.959 1.439   1.00 22.84 ? 17  CBV A O1P   1 
HETATM 347 O  O2P   . CBV A 1 17 ? 0.952   -13.198 -0.338  1.00 25.05 ? 17  CBV A O2P   1 
HETATM 348 O  "O5'" . CBV A 1 17 ? -1.326  -13.206 0.609   1.00 23.82 ? 17  CBV A "O5'" 1 
HETATM 349 C  "C5'" . CBV A 1 17 ? -2.315  -13.690 1.500   1.00 22.75 ? 17  CBV A "C5'" 1 
HETATM 350 C  "C4'" . CBV A 1 17 ? -3.652  -13.023 1.312   1.00 23.20 ? 17  CBV A "C4'" 1 
HETATM 351 O  "O4'" . CBV A 1 17 ? -3.517  -11.593 1.349   1.00 23.71 ? 17  CBV A "O4'" 1 
HETATM 352 C  "C3'" . CBV A 1 17 ? -4.339  -13.261 -0.020  1.00 23.36 ? 17  CBV A "C3'" 1 
HETATM 353 O  "O3'" . CBV A 1 17 ? -4.890  -14.547 -0.081  1.00 24.52 ? 17  CBV A "O3'" 1 
HETATM 354 C  "C2'" . CBV A 1 17 ? -5.375  -12.159 0.000   1.00 24.47 ? 17  CBV A "C2'" 1 
HETATM 355 O  "O2'" . CBV A 1 17 ? -6.403  -12.458 0.929   1.00 24.90 ? 17  CBV A "O2'" 1 
HETATM 356 C  "C1'" . CBV A 1 17 ? -4.548  -11.018 0.577   1.00 23.88 ? 17  CBV A "C1'" 1 
HETATM 357 N  N1    . CBV A 1 17 ? -3.909  -10.250 -0.492  1.00 23.62 ? 17  CBV A N1    1 
HETATM 358 C  C2    . CBV A 1 17 ? -4.723  -9.292  -1.226  1.00 22.55 ? 17  CBV A C2    1 
HETATM 359 O  O2    . CBV A 1 17 ? -5.865  -9.192  -0.945  1.00 27.71 ? 17  CBV A O2    1 
HETATM 360 N  N3    . CBV A 1 17 ? -4.090  -8.519  -2.282  1.00 24.85 ? 17  CBV A N3    1 
HETATM 361 C  C4    . CBV A 1 17 ? -2.728  -8.667  -2.624  1.00 23.53 ? 17  CBV A C4    1 
HETATM 362 N  N4    . CBV A 1 17 ? -2.155  -7.878  -3.665  1.00 25.57 ? 17  CBV A N4    1 
HETATM 363 C  C5    . CBV A 1 17 ? -1.947  -9.660  -1.875  1.00 23.08 ? 17  CBV A C5    1 
HETATM 364 C  C6    . CBV A 1 17 ? -2.541  -10.455 -0.811  1.00 22.07 ? 17  CBV A C6    1 
HETATM 365 BR BR    . CBV A 1 17 ? -0.140  -9.988  -2.253  1.00 28.05 ? 17  CBV A BR    1 
ATOM   366 P  P     . C   A 1 18 ? -5.228  -15.234 -1.488  1.00 25.62 ? 18  C   A P     1 
ATOM   367 O  OP1   . C   A 1 18 ? -5.675  -16.585 -1.074  1.00 27.10 ? 18  C   A OP1   1 
ATOM   368 O  OP2   . C   A 1 18 ? -4.098  -15.116 -2.426  1.00 26.89 ? 18  C   A OP2   1 
ATOM   369 O  "O5'" . C   A 1 18 ? -6.404  -14.367 -2.072  1.00 24.19 ? 18  C   A "O5'" 1 
ATOM   370 C  "C5'" . C   A 1 18 ? -7.687  -14.403 -1.479  1.00 30.08 ? 18  C   A "C5'" 1 
ATOM   371 C  "C4'" . C   A 1 18 ? -8.639  -13.515 -2.230  1.00 26.06 ? 18  C   A "C4'" 1 
ATOM   372 O  "O4'" . C   A 1 18 ? -8.164  -12.157 -2.193  1.00 28.35 ? 18  C   A "O4'" 1 
ATOM   373 C  "C3'" . C   A 1 18 ? -8.781  -13.801 -3.717  1.00 30.98 ? 18  C   A "C3'" 1 
ATOM   374 O  "O3'" . C   A 1 18 ? -9.610  -14.915 -3.975  1.00 31.63 ? 18  C   A "O3'" 1 
ATOM   375 C  "C2'" . C   A 1 18 ? -9.304  -12.471 -4.252  1.00 27.81 ? 18  C   A "C2'" 1 
ATOM   376 O  "O2'" . C   A 1 18 ? -10.682 -12.294 -3.956  1.00 31.84 ? 18  C   A "O2'" 1 
ATOM   377 C  "C1'" . C   A 1 18 ? -8.526  -11.485 -3.384  1.00 27.64 ? 18  C   A "C1'" 1 
ATOM   378 N  N1    . C   A 1 18 ? -7.293  -11.005 -4.043  1.00 28.03 ? 18  C   A N1    1 
ATOM   379 C  C2    . C   A 1 18 ? -7.451  -10.000 -4.988  1.00 27.99 ? 18  C   A C2    1 
ATOM   380 O  O2    . C   A 1 18 ? -8.595  -9.601  -5.217  1.00 27.88 ? 18  C   A O2    1 
ATOM   381 N  N3    . C   A 1 18 ? -6.368  -9.518  -5.621  1.00 26.44 ? 18  C   A N3    1 
ATOM   382 C  C4    . C   A 1 18 ? -5.157  -9.995  -5.347  1.00 23.66 ? 18  C   A C4    1 
ATOM   383 N  N4    . C   A 1 18 ? -4.109  -9.505  -5.997  1.00 25.40 ? 18  C   A N4    1 
ATOM   384 C  C5    . C   A 1 18 ? -4.952  -11.044 -4.391  1.00 25.87 ? 18  C   A C5    1 
ATOM   385 C  C6    . C   A 1 18 ? -6.043  -11.513 -3.758  1.00 26.36 ? 18  C   A C6    1 
HETATM 386 C  CG    . EGD B 2 .  ? 9.026   8.157   2.269   1.00 40.80 ? 101 EGD A CG    1 
HETATM 387 C  CD    . EGD B 2 .  ? 8.040   8.458   3.391   1.00 35.44 ? 101 EGD A CD    1 
HETATM 388 N  NE    . EGD B 2 .  ? 6.686   8.619   2.905   1.00 30.16 ? 101 EGD A NE    1 
HETATM 389 C  CZ    . EGD B 2 .  ? 5.631   8.435   3.868   1.00 29.71 ? 101 EGD A CZ    1 
HETATM 390 N  NH1   . EGD B 2 .  ? 5.914   8.132   5.066   1.00 27.17 ? 101 EGD A NH1   1 
HETATM 391 N  NH2   . EGD B 2 .  ? 4.261   8.588   3.432   1.00 33.78 ? 101 EGD A NH2   1 
HETATM 392 S  S     . SO4 C 3 .  ? -10.894 -8.199  -0.560  1.00 75.41 ? 102 SO4 A S     1 
HETATM 393 O  O1    . SO4 C 3 .  ? -11.566 -6.918  -0.752  1.00 82.29 ? 102 SO4 A O1    1 
HETATM 394 O  O2    . SO4 C 3 .  ? -10.226 -8.197  0.735   1.00 81.34 ? 102 SO4 A O2    1 
HETATM 395 O  O3    . SO4 C 3 .  ? -9.923  -8.405  -1.626  1.00 74.20 ? 102 SO4 A O3    1 
HETATM 396 O  O4    . SO4 C 3 .  ? -11.875 -9.280  -0.601  1.00 85.88 ? 102 SO4 A O4    1 
HETATM 397 NA NA    . NA  D 4 .  ? -12.269 -7.252  -7.528  1.00 57.53 ? 103 NA  A NA    1 
HETATM 398 NA NA    . NA  E 4 .  ? -3.594  -7.077  6.494   1.00 66.20 ? 104 NA  A NA    1 
HETATM 399 O  O     . HOH F 5 .  ? 9.527   11.066  5.607   1.00 36.95 ? 201 HOH A O     1 
HETATM 400 O  O     . HOH F 5 .  ? -13.144 -5.591  -2.097  1.00 53.65 ? 202 HOH A O     1 
HETATM 401 O  O     . HOH F 5 .  ? -2.257  3.570   11.939  1.00 32.75 ? 203 HOH A O     1 
HETATM 402 O  O     . HOH F 5 .  ? 1.824   -3.736  7.271   1.00 38.80 ? 204 HOH A O     1 
HETATM 403 O  O     . HOH F 5 .  ? 0.102   -13.773 -2.793  1.00 31.95 ? 205 HOH A O     1 
HETATM 404 O  O     . HOH F 5 .  ? 6.396   -9.997  4.338   1.00 40.58 ? 206 HOH A O     1 
HETATM 405 O  O     . HOH F 5 .  ? 3.422   -14.135 -0.714  1.00 33.41 ? 207 HOH A O     1 
HETATM 406 O  O     . HOH F 5 .  ? 1.841   15.783  1.655   1.00 41.33 ? 208 HOH A O     1 
HETATM 407 O  O     . HOH F 5 .  ? -0.236  16.611  -8.146  0.50 68.11 ? 209 HOH A O     1 
HETATM 408 O  O     . HOH F 5 .  ? 2.716   4.296   -5.571  1.00 42.31 ? 210 HOH A O     1 
HETATM 409 O  O     . HOH F 5 .  ? 0.739   4.922   -2.695  1.00 40.82 ? 211 HOH A O     1 
HETATM 410 O  O     . HOH F 5 .  ? -4.927  -17.359 1.400   1.00 30.93 ? 212 HOH A O     1 
HETATM 411 O  O     . HOH F 5 .  ? -4.602  -0.667  -0.085  1.00 43.60 ? 213 HOH A O     1 
HETATM 412 O  O     . HOH F 5 .  ? -12.385 -13.564 -5.627  1.00 51.07 ? 214 HOH A O     1 
HETATM 413 O  O     . HOH F 5 .  ? -3.138  -9.051  3.598   1.00 30.66 ? 215 HOH A O     1 
HETATM 414 O  O     . HOH F 5 .  ? -7.205  0.073   -0.324  1.00 51.54 ? 216 HOH A O     1 
HETATM 415 O  O     . HOH F 5 .  ? -2.544  -13.086 -3.377  1.00 31.26 ? 217 HOH A O     1 
HETATM 416 O  O     . HOH F 5 .  ? 2.315   -6.986  -2.738  1.00 43.00 ? 218 HOH A O     1 
HETATM 417 O  O     . HOH F 5 .  ? 9.531   6.222   -8.279  1.00 47.23 ? 219 HOH A O     1 
HETATM 418 O  O     . HOH F 5 .  ? -11.439 -0.516  -11.100 1.00 49.51 ? 220 HOH A O     1 
HETATM 419 O  O     . HOH F 5 .  ? 10.976  8.142   5.298   1.00 50.94 ? 221 HOH A O     1 
HETATM 420 O  O     . HOH F 5 .  ? -2.132  -0.868  -1.393  1.00 46.45 ? 222 HOH A O     1 
HETATM 421 O  O     . HOH F 5 .  ? -4.186  -2.860  -14.539 1.00 49.86 ? 223 HOH A O     1 
HETATM 422 O  O     . HOH F 5 .  ? -11.322 -5.440  -9.821  1.00 43.63 ? 224 HOH A O     1 
HETATM 423 O  O     . HOH F 5 .  ? 6.255   0.927   11.026  1.00 30.69 ? 225 HOH A O     1 
HETATM 424 O  O     . HOH F 5 .  ? 9.726   2.037   0.785   1.00 49.73 ? 226 HOH A O     1 
HETATM 425 O  O     . HOH F 5 .  ? 0.265   0.848   13.279  0.33 28.66 ? 227 HOH A O     1 
HETATM 426 O  O     . HOH F 5 .  ? 12.214  1.224   -3.562  1.00 47.23 ? 228 HOH A O     1 
HETATM 427 O  O     . HOH F 5 .  ? 6.908   5.019   12.273  1.00 54.92 ? 229 HOH A O     1 
HETATM 428 O  O     . HOH F 5 .  ? -1.713  -16.635 -1.937  1.00 50.07 ? 230 HOH A O     1 
HETATM 429 O  O     . HOH F 5 .  ? -0.733  2.409   0.846   1.00 44.32 ? 231 HOH A O     1 
HETATM 430 O  O     . HOH F 5 .  ? -10.875 -6.935  -4.038  1.00 44.55 ? 232 HOH A O     1 
HETATM 431 O  O     . HOH F 5 .  ? -1.587  2.316   3.962   1.00 44.97 ? 233 HOH A O     1 
HETATM 432 O  O     . HOH F 5 .  ? 0.477   -7.381  -4.849  1.00 42.70 ? 234 HOH A O     1 
HETATM 433 O  O     . HOH F 5 .  ? 2.517   14.418  9.028   1.00 51.09 ? 235 HOH A O     1 
HETATM 434 O  O     . HOH F 5 .  ? -2.516  -6.391  -11.419 1.00 62.14 ? 236 HOH A O     1 
HETATM 435 O  O     . HOH F 5 .  ? -9.988  -1.468  8.158   1.00 34.64 ? 237 HOH A O     1 
HETATM 436 O  O     . HOH F 5 .  ? 2.188   0.395   -3.593  1.00 49.53 ? 238 HOH A O     1 
HETATM 437 O  O     . HOH F 5 .  ? -3.548  -2.761  -7.437  1.00 53.24 ? 239 HOH A O     1 
HETATM 438 O  O     . HOH F 5 .  ? -14.113 -2.692  -4.587  1.00 45.61 ? 240 HOH A O     1 
HETATM 439 O  O     . HOH F 5 .  ? -1.156  6.104   0.509   1.00 56.10 ? 241 HOH A O     1 
HETATM 440 O  O     . HOH F 5 .  ? -1.413  -10.958 -5.793  1.00 40.99 ? 242 HOH A O     1 
HETATM 441 O  O     . HOH F 5 .  ? 0.793   -4.723  -4.055  1.00 50.99 ? 243 HOH A O     1 
HETATM 442 O  O     . HOH F 5 .  ? -12.467 -4.633  2.575   1.00 44.10 ? 244 HOH A O     1 
HETATM 443 O  O     . HOH F 5 .  ? 10.636  4.506   0.694   1.00 44.21 ? 245 HOH A O     1 
HETATM 444 O  O     . HOH F 5 .  ? 3.345   10.214  -10.425 1.00 61.28 ? 246 HOH A O     1 
HETATM 445 O  O     . HOH F 5 .  ? -2.520  -2.960  -9.889  1.00 60.86 ? 247 HOH A O     1 
HETATM 446 O  O     . HOH F 5 .  ? -2.161  -17.931 0.510   1.00 44.80 ? 248 HOH A O     1 
HETATM 447 O  O     . HOH F 5 .  ? 0.751   -9.499  -6.004  1.00 47.03 ? 249 HOH A O     1 
HETATM 448 O  O     . HOH F 5 .  ? 0.604   -16.682 -2.873  1.00 46.97 ? 250 HOH A O     1 
HETATM 449 O  O     . HOH F 5 .  ? -9.443  -15.646 1.383   1.00 43.96 ? 251 HOH A O     1 
# 
loop_
_atom_site_anisotrop.id 
_atom_site_anisotrop.type_symbol 
_atom_site_anisotrop.pdbx_label_atom_id 
_atom_site_anisotrop.pdbx_label_alt_id 
_atom_site_anisotrop.pdbx_label_comp_id 
_atom_site_anisotrop.pdbx_label_asym_id 
_atom_site_anisotrop.pdbx_label_seq_id 
_atom_site_anisotrop.pdbx_PDB_ins_code 
_atom_site_anisotrop.U[1][1] 
_atom_site_anisotrop.U[2][2] 
_atom_site_anisotrop.U[3][3] 
_atom_site_anisotrop.U[1][2] 
_atom_site_anisotrop.U[1][3] 
_atom_site_anisotrop.U[2][3] 
_atom_site_anisotrop.pdbx_auth_seq_id 
_atom_site_anisotrop.pdbx_auth_comp_id 
_atom_site_anisotrop.pdbx_auth_asym_id 
_atom_site_anisotrop.pdbx_auth_atom_id 
1   O "O5'" . G A 1  ? 0.6595 0.3626 0.4422 0.0208  0.0325  0.0205  1  G A "O5'" 
2   C "C5'" . G A 1  ? 0.6721 0.3578 0.4379 0.0378  0.0288  0.0258  1  G A "C5'" 
3   C "C4'" . G A 1  ? 0.5708 0.2939 0.3543 0.0520  0.0191  0.0332  1  G A "C4'" 
4   O "O4'" . G A 1  ? 0.5651 0.3203 0.3744 0.0484  0.0133  0.0419  1  G A "O4'" 
5   C "C3'" . G A 1  ? 0.5413 0.2939 0.3376 0.0532  0.0175  0.0278  1  G A "C3'" 
6   O "O3'" . G A 1  ? 0.6083 0.3393 0.3831 0.0625  0.0200  0.0218  1  G A "O3'" 
7   C "C2'" . G A 1  ? 0.5212 0.3161 0.3422 0.0626  0.0074  0.0376  1  G A "C2'" 
8   O "O2'" . G A 1  ? 0.5549 0.3402 0.3634 0.0807  0.0024  0.0438  1  G A "O2'" 
9   C "C1'" . G A 1  ? 0.5036 0.3031 0.3368 0.0533  0.0065  0.0443  1  G A "C1'" 
10  N N9    . G A 1  ? 0.4757 0.3006 0.3311 0.0368  0.0086  0.0404  1  G A N9    
11  C C8    . G A 1  ? 0.4994 0.3071 0.3512 0.0198  0.0164  0.0340  1  G A C8    
12  N N7    . G A 1  ? 0.4797 0.3190 0.3552 0.0083  0.0162  0.0317  1  G A N7    
13  C C5    . G A 1  ? 0.4443 0.3232 0.3396 0.0183  0.0078  0.0369  1  G A C5    
14  C C6    . G A 1  ? 0.4008 0.3247 0.3253 0.0133  0.0036  0.0375  1  G A C6    
15  O O6    . G A 1  ? 0.4108 0.3501 0.3505 -0.0015 0.0065  0.0334  1  G A O6    
16  N N1    . G A 1  ? 0.3890 0.3428 0.3256 0.0274  -0.0050 0.0436  1  G A N1    
17  C C2    . G A 1  ? 0.3535 0.2954 0.2760 0.0445  -0.0089 0.0486  1  G A C2    
18  N N2    . G A 1  ? 0.3907 0.3670 0.3291 0.0561  -0.0172 0.0540  1  G A N2    
19  N N3    . G A 1  ? 0.4112 0.3111 0.3065 0.0496  -0.0051 0.0480  1  G A N3    
20  C C4    . G A 1  ? 0.4312 0.3016 0.3143 0.0359  0.0032  0.0422  1  G A C4    
21  P P     . G A 2  ? 0.6369 0.3776 0.4133 0.0580  0.0238  0.0108  2  G A P     
22  O OP1   . G A 2  ? 0.6652 0.3725 0.4137 0.0685  0.0267  0.0062  2  G A OP1   
23  O OP2   . G A 2  ? 0.6408 0.3817 0.4245 0.0385  0.0304  0.0039  2  G A OP2   
24  O "O5'" . G A 2  ? 0.5752 0.3662 0.3788 0.0651  0.0151  0.0154  2  G A "O5'" 
25  C "C5'" . G A 2  ? 0.6047 0.4078 0.4093 0.0830  0.0073  0.0230  2  G A "C5'" 
26  C "C4'" . G A 2  ? 0.4814 0.3354 0.3163 0.0855  -0.0006 0.0281  2  G A "C4'" 
27  O "O4'" . G A 2  ? 0.4617 0.3363 0.3180 0.0753  -0.0028 0.0340  2  G A "O4'" 
28  C "C3'" . G A 2  ? 0.4658 0.3455 0.3136 0.0798  0.0006  0.0202  2  G A "C3'" 
29  O "O3'" . G A 2  ? 0.4872 0.3628 0.3230 0.0920  -0.0002 0.0162  2  G A "O3'" 
30  C "C2'" . G A 2  ? 0.4196 0.3475 0.3000 0.0782  -0.0070 0.0275  2  G A "C2'" 
31  O "O2'" . G A 2  ? 0.4490 0.3956 0.3347 0.0955  -0.0156 0.0355  2  G A "O2'" 
32  C "C1'" . G A 2  ? 0.4337 0.3521 0.3176 0.0697  -0.0062 0.0333  2  G A "C1'" 
33  N N9    . G A 2  ? 0.3944 0.3118 0.2854 0.0505  0.0004  0.0268  2  G A N9    
34  C C8    . G A 2  ? 0.4571 0.3384 0.3307 0.0389  0.0090  0.0206  2  G A C8    
35  N N7    . G A 2  ? 0.4484 0.3426 0.3363 0.0225  0.0127  0.0160  2  G A N7    
36  C C5    . G A 2  ? 0.3989 0.3401 0.3149 0.0236  0.0060  0.0193  2  G A C5    
37  C C6    . G A 2  ? 0.3552 0.3292 0.2965 0.0100  0.0061  0.0171  2  G A C6    
38  O O6    . G A 2  ? 0.4039 0.3708 0.3472 -0.0060 0.0123  0.0113  2  G A O6    
39  N N1    . G A 2  ? 0.3434 0.3609 0.3082 0.0172  -0.0023 0.0224  2  G A N1    
40  C C2    . G A 2  ? 0.3271 0.3561 0.2919 0.0347  -0.0096 0.0290  2  G A C2    
41  N N2    . G A 2  ? 0.3441 0.4178 0.3344 0.0387  -0.0171 0.0334  2  G A N2    
42  N N3    . G A 2  ? 0.3758 0.3748 0.3173 0.0475  -0.0097 0.0313  2  G A N3    
43  C C4    . G A 2  ? 0.3640 0.3202 0.2822 0.0407  -0.0017 0.0261  2  G A C4    
44  P P     . U A 3  ? 0.4970 0.3759 0.3309 0.0859  0.0050  0.0043  3  U A P     
45  O OP1   . U A 3  ? 0.5278 0.3972 0.3458 0.1017  0.0034  0.0021  3  U A OP1   
46  O OP2   . U A 3  ? 0.5486 0.4008 0.3722 0.0693  0.0145  -0.0040 3  U A OP2   
47  O "O5'" . U A 3  ? 0.4378 0.3684 0.3045 0.0810  -0.0003 0.0061  3  U A "O5'" 
48  C "C5'" . U A 3  ? 0.4275 0.3935 0.3113 0.0939  -0.0097 0.0139  3  U A "C5'" 
49  C "C4'" . U A 3  ? 0.3599 0.3722 0.2754 0.0852  -0.0135 0.0153  3  U A "C4'" 
50  O "O4'" . U A 3  ? 0.3437 0.3585 0.2710 0.0720  -0.0122 0.0188  3  U A "O4'" 
51  C "C3'" . U A 3  ? 0.3265 0.3499 0.2476 0.0749  -0.0087 0.0048  3  U A "C3'" 
52  O "O3'" . U A 3  ? 0.3844 0.4216 0.3044 0.0860  -0.0116 0.0019  3  U A "O3'" 
53  C "C2'" . U A 3  ? 0.3281 0.3888 0.2793 0.0624  -0.0113 0.0077  3  U A "C2'" 
54  O "O2'" . U A 3  ? 0.3343 0.4377 0.3083 0.0713  -0.0205 0.0149  3  U A "O2'" 
55  C "C1'" . U A 3  ? 0.3178 0.3608 0.2662 0.0580  -0.0108 0.0144  3  U A "C1'" 
56  N N1    . U A 3  ? 0.3401 0.3550 0.2782 0.0416  -0.0017 0.0073  3  U A N1    
57  C C2    . U A 3  ? 0.3525 0.3918 0.3119 0.0261  -0.0001 0.0045  3  U A C2    
58  O O2    . U A 3  ? 0.3458 0.4268 0.3303 0.0264  -0.0060 0.0076  3  U A O2    
59  N N3    . U A 3  ? 0.3484 0.3612 0.2980 0.0110  0.0084  -0.0020 3  U A N3    
60  C C4    . U A 3  ? 0.3861 0.3520 0.3076 0.0101  0.0152  -0.0058 3  U A C4    
61  O O4    . U A 3  ? 0.4059 0.3526 0.3216 -0.0044 0.0226  -0.0118 3  U A O4    
62  C C5    . U A 3  ? 0.4334 0.3761 0.3339 0.0267  0.0131  -0.0026 3  U A C5    
63  C C6    . U A 3  ? 0.3554 0.3238 0.2654 0.0417  0.0048  0.0038  3  U A C6    
64  P P     . G A 4  ? 0.4096 0.4354 0.3187 0.0802  -0.0044 -0.0110 4  G A P     
65  O OP1   . G A 4  ? 0.4902 0.5309 0.3982 0.0950  -0.0091 -0.0116 4  G A OP1   
66  O OP2   . G A 4  ? 0.4636 0.4416 0.3459 0.0736  0.0047  -0.0177 4  G A OP2   
67  O "O5'" . G A 4  ? 0.3369 0.3964 0.2719 0.0642  -0.0036 -0.0144 4  G A "O5'" 
68  C "C5'" . G A 4  ? 0.3485 0.4554 0.3101 0.0678  -0.0112 -0.0101 4  G A "C5'" 
69  C "C4'" . G A 4  ? 0.3403 0.4747 0.3238 0.0516  -0.0093 -0.0143 4  G A "C4'" 
70  O "O4'" . G A 4  ? 0.3393 0.4737 0.3330 0.0401  -0.0085 -0.0098 4  G A "O4'" 
71  C "C3'" . G A 4  ? 0.3039 0.4216 0.2772 0.0397  -0.0003 -0.0269 4  G A "C3'" 
72  O "O3'" . G A 4  ? 0.4294 0.5578 0.4005 0.0463  -0.0008 -0.0328 4  G A "O3'" 
73  C "C2'" . G A 4  ? 0.2892 0.4322 0.2863 0.0229  0.0005  -0.0273 4  G A "C2'" 
74  O "O2'" . G A 4  ? 0.3273 0.5181 0.3514 0.0248  -0.0063 -0.0243 4  G A "O2'" 
75  C "C1'" . G A 4  ? 0.3366 0.4741 0.3377 0.0226  -0.0024 -0.0175 4  G A "C1'" 
76  N N9    . G A 4  ? 0.3424 0.4371 0.3229 0.0136  0.0057  -0.0213 4  G A N9    
77  C C8    . G A 4  ? 0.3837 0.4378 0.3372 0.0214  0.0084  -0.0208 4  G A C8    
78  N N7    . G A 4  ? 0.3235 0.3461 0.2639 0.0100  0.0158  -0.0248 4  G A N7    
79  C C5    . G A 4  ? 0.3357 0.3798 0.2960 -0.0063 0.0180  -0.0278 4  G A C5    
80  C C6    . G A 4  ? 0.4125 0.4400 0.3710 -0.0236 0.0252  -0.0329 4  G A C6    
81  O O6    . G A 4  ? 0.3954 0.3840 0.3336 -0.0288 0.0316  -0.0356 4  G A O6    
82  N N1    . G A 4  ? 0.3435 0.4057 0.3277 -0.0360 0.0246  -0.0346 4  G A N1    
83  C C2    . G A 4  ? 0.4198 0.5259 0.4275 -0.0323 0.0180  -0.0322 4  G A C2    
84  N N2    . G A 4  ? 0.3300 0.4642 0.3603 -0.0462 0.0186  -0.0347 4  G A N2    
85  N N3    . G A 4  ? 0.3644 0.4859 0.3737 -0.0162 0.0112  -0.0276 4  G A N3    
86  C C4    . G A 4  ? 0.4015 0.4905 0.3866 -0.0041 0.0117  -0.0258 4  G A C4    
87  P P     . G A 5  ? 0.3939 0.4914 0.3432 0.0405  0.0086  -0.0457 5  G A P     
88  O OP1   . G A 5  ? 0.4468 0.5619 0.3971 0.0504  0.0059  -0.0495 5  G A OP1   
89  O OP2   . G A 5  ? 0.4263 0.4747 0.3469 0.0424  0.0141  -0.0469 5  G A OP2   
90  O "O5'" . G A 5  ? 0.4504 0.5504 0.4092 0.0192  0.0153  -0.0525 5  G A "O5'" 
91  C "C5'" . G A 5  ? 0.4870 0.6259 0.4709 0.0101  0.0138  -0.0550 5  G A "C5'" 
92  C "C4'" . G A 5  ? 0.3156 0.4545 0.3088 -0.0097 0.0194  -0.0590 5  G A "C4'" 
93  O "O4'" . G A 5  ? 0.3341 0.4632 0.3298 -0.0142 0.0188  -0.0518 5  G A "O4'" 
94  C "C3'" . G A 5  ? 0.2994 0.4062 0.2746 -0.0219 0.0299  -0.0707 5  G A "C3'" 
95  O "O3'" . G A 5  ? 0.2827 0.4023 0.2602 -0.0241 0.0321  -0.0795 5  G A "O3'" 
96  C "C2'" . G A 5  ? 0.3101 0.4212 0.2988 -0.0389 0.0326  -0.0697 5  G A "C2'" 
97  O "O2'" . G A 5  ? 0.3193 0.4724 0.3356 -0.0477 0.0300  -0.0706 5  G A "O2'" 
98  C "C1'" . G A 5  ? 0.3389 0.4518 0.3324 -0.0317 0.0265  -0.0578 5  G A "C1'" 
99  N N9    . G A 5  ? 0.3465 0.4130 0.3143 -0.0315 0.0317  -0.0580 5  G A N9    
100 C C8    . G A 5  ? 0.4106 0.4488 0.3563 -0.0175 0.0308  -0.0550 5  G A C8    
101 N N7    . G A 5  ? 0.4327 0.4312 0.3584 -0.0223 0.0368  -0.0566 5  G A N7    
102 C C5    . G A 5  ? 0.3704 0.3712 0.3053 -0.0406 0.0421  -0.0611 5  G A C5    
103 C C6    . G A 5  ? 0.3948 0.3626 0.3170 -0.0535 0.0498  -0.0647 5  G A C6    
104 O O6    . G A 5  ? 0.5089 0.4381 0.4082 -0.0508 0.0534  -0.0644 5  G A O6    
105 N N1    . G A 5  ? 0.3960 0.3802 0.3348 -0.0705 0.0531  -0.0688 5  G A N1    
106 C C2    . G A 5  ? 0.3949 0.4218 0.3598 -0.0749 0.0494  -0.0694 5  G A C2    
107 N N2    . G A 5  ? 0.3694 0.4059 0.3473 -0.0922 0.0535  -0.0737 5  G A N2    
108 N N3    . G A 5  ? 0.3352 0.3929 0.3122 -0.0630 0.0422  -0.0658 5  G A N3    
109 C C4    . G A 5  ? 0.3600 0.4024 0.3210 -0.0464 0.0389  -0.0618 5  G A C4    
110 P P     . G A 6  ? 0.2910 0.3451 0.3232 -0.0412 -0.0190 -0.0310 6  G A P     
111 O OP1   . G A 6  ? 0.2883 0.3506 0.3321 -0.0425 -0.0153 -0.0362 6  G A OP1   
112 O OP2   . G A 6  ? 0.3192 0.3735 0.3580 -0.0398 -0.0245 -0.0285 6  G A OP2   
113 O "O5'" . G A 6  ? 0.2724 0.3185 0.2932 -0.0388 -0.0162 -0.0263 6  G A "O5'" 
114 C "C5'" . G A 6  ? 0.2734 0.3183 0.2878 -0.0394 -0.0106 -0.0277 6  G A "C5'" 
115 C "C4'" . G A 6  ? 0.3118 0.3481 0.3140 -0.0369 -0.0087 -0.0228 6  G A "C4'" 
116 O "O4'" . G A 6  ? 0.3201 0.3487 0.3083 -0.0370 -0.0118 -0.0188 6  G A "O4'" 
117 C "C3'" . G A 6  ? 0.2909 0.3262 0.3000 -0.0331 -0.0092 -0.0195 6  G A "C3'" 
118 O "O3'" . G A 6  ? 0.3101 0.3508 0.3299 -0.0323 -0.0053 -0.0220 6  G A "O3'" 
119 C "C2'" . G A 6  ? 0.3145 0.3396 0.3071 -0.0315 -0.0086 -0.0141 6  G A "C2'" 
120 O "O2'" . G A 6  ? 0.3270 0.3498 0.3116 -0.0320 -0.0031 -0.0147 6  G A "O2'" 
121 C "C1'" . G A 6  ? 0.3397 0.3613 0.3218 -0.0338 -0.0120 -0.0135 6  G A "C1'" 
122 N N9    . G A 6  ? 0.2992 0.3195 0.2848 -0.0324 -0.0177 -0.0106 6  G A N9    
123 C C8    . G A 6  ? 0.2802 0.3061 0.2764 -0.0335 -0.0219 -0.0127 6  G A C8    
124 N N7    . G A 6  ? 0.2991 0.3220 0.2962 -0.0315 -0.0264 -0.0089 6  G A N7    
125 C C5    . G A 6  ? 0.3006 0.3156 0.2871 -0.0289 -0.0249 -0.0040 6  G A C5    
126 C C6    . G A 6  ? 0.3187 0.3276 0.3012 -0.0261 -0.0281 0.0013  6  G A C6    
127 O O6    . G A 6  ? 0.3333 0.3425 0.3208 -0.0252 -0.0329 0.0030  6  G A O6    
128 N N1    . G A 6  ? 0.3170 0.3187 0.2884 -0.0242 -0.0249 0.0049  6  G A N1    
129 C C2    . G A 6  ? 0.3350 0.3359 0.3003 -0.0250 -0.0196 0.0036  6  G A C2    
130 N N2    . G A 6  ? 0.3391 0.3325 0.2940 -0.0227 -0.0172 0.0077  6  G A N2    
131 N N3    . G A 6  ? 0.3087 0.3152 0.2776 -0.0276 -0.0166 -0.0015 6  G A N3    
132 C C4    . G A 6  ? 0.3091 0.3225 0.2886 -0.0295 -0.0197 -0.0050 6  G A C4    
133 P P     . G A 7  ? 0.3084 0.3521 0.3423 -0.0289 -0.0064 -0.0205 7  G A P     
134 O OP1   . G A 7  ? 0.3527 0.4025 0.3961 -0.0290 -0.0017 -0.0244 7  G A OP1   
135 O OP2   . G A 7  ? 0.3236 0.3699 0.3657 -0.0288 -0.0120 -0.0202 7  G A OP2   
136 O "O5'" . G A 7  ? 0.3024 0.3370 0.3253 -0.0258 -0.0060 -0.0145 7  G A "O5'" 
137 C "C5'" . G A 7  ? 0.3468 0.3768 0.3597 -0.0253 -0.0011 -0.0134 7  G A "C5'" 
138 C "C4'" . G A 7  ? 0.3348 0.3562 0.3380 -0.0222 -0.0016 -0.0074 7  G A "C4'" 
139 O "O4'" . G A 7  ? 0.3561 0.3711 0.3474 -0.0228 -0.0055 -0.0043 7  G A "O4'" 
140 C "C3'" . G A 7  ? 0.3226 0.3448 0.3364 -0.0189 -0.0038 -0.0048 7  G A "C3'" 
141 O "O3'" . G A 7  ? 0.3697 0.3957 0.3925 -0.0173 0.0001  -0.0062 7  G A "O3'" 
142 C "C2'" . G A 7  ? 0.3377 0.3504 0.3381 -0.0169 -0.0056 0.0013  7  G A "C2'" 
143 O "O2'" . G A 7  ? 0.3839 0.3911 0.3741 -0.0158 -0.0011 0.0032  7  G A "O2'" 
144 C "C1'" . G A 7  ? 0.3637 0.3735 0.3534 -0.0197 -0.0083 0.0009  7  G A "C1'" 
145 N N9    . G A 7  ? 0.3422 0.3542 0.3387 -0.0198 -0.0140 0.0012  7  G A N9    
146 C C8    . G A 7  ? 0.3247 0.3444 0.3322 -0.0220 -0.0164 -0.0029 7  G A C8    
147 N N7    . G A 7  ? 0.3286 0.3484 0.3403 -0.0213 -0.0215 -0.0013 7  G A N7    
148 C C5    . G A 7  ? 0.3188 0.3306 0.3218 -0.0185 -0.0226 0.0044  7  G A C5    
149 C C6    . G A 7  ? 0.3197 0.3282 0.3227 -0.0166 -0.0276 0.0084  7  G A C6    
150 O O6    . G A 7  ? 0.3795 0.3912 0.3899 -0.0171 -0.0321 0.0077  7  G A O6    
151 N N1    . G A 7  ? 0.3512 0.3513 0.3440 -0.0138 -0.0270 0.0136  7  G A N1    
152 C C2    . G A 7  ? 0.3388 0.3347 0.3228 -0.0131 -0.0222 0.0149  7  G A C2    
153 N N2    . G A 7  ? 0.3789 0.3670 0.3540 -0.0104 -0.0225 0.0202  7  G A N2    
154 N N3    . G A 7  ? 0.3707 0.3700 0.3549 -0.0149 -0.0175 0.0111  7  G A N3    
155 C C4    . G A 7  ? 0.3306 0.3377 0.3244 -0.0175 -0.0180 0.0060  7  G A C4    
156 P P     . A A 8  ? 0.3330 0.3630 0.3715 -0.0143 -0.0016 -0.0053 8  A A P     
157 O OP1   . A A 8  ? 0.3222 0.3454 0.3552 -0.0115 -0.0049 0.0004  8  A A OP1   
158 O OP2   . A A 8  ? 0.3659 0.3999 0.4119 -0.0135 0.0034  -0.0076 8  A A OP2   
159 O "O5'" . A A 8  ? 0.3085 0.3461 0.3599 -0.0160 -0.0057 -0.0087 8  A A "O5'" 
160 C "C5'" . A A 8  ? 0.3700 0.4155 0.4296 -0.0187 -0.0040 -0.0145 8  A A "C5'" 
161 C "C4'" . A A 8  ? 0.3335 0.3872 0.4119 -0.0181 -0.0061 -0.0170 8  A A "C4'" 
162 O "O4'" . A A 8  ? 0.3633 0.4182 0.4492 -0.0152 -0.0033 -0.0161 8  A A "O4'" 
163 C "C3'" . A A 8  ? 0.3171 0.3704 0.4000 -0.0169 -0.0119 -0.0146 8  A A "C3'" 
164 O "O3'" . A A 8  ? 0.3892 0.4445 0.4712 -0.0198 -0.0153 -0.0167 8  A A "O3'" 
165 C "C2'" . A A 8  ? 0.4415 0.5014 0.5422 -0.0150 -0.0121 -0.0159 8  A A "C2'" 
166 O "O2'" . A A 8  ? 0.4467 0.5155 0.5594 -0.0174 -0.0118 -0.0215 8  A A "O2'" 
167 C "C1'" . A A 8  ? 0.3439 0.4020 0.4428 -0.0132 -0.0068 -0.0152 8  A A "C1'" 
168 N N9    . A A 8  ? 0.3354 0.3866 0.4289 -0.0097 -0.0076 -0.0095 8  A A N9    
169 C C8    . A A 8  ? 0.3534 0.3971 0.4337 -0.0085 -0.0047 -0.0061 8  A A C8    
170 N N7    . A A 8  ? 0.3634 0.4019 0.4416 -0.0054 -0.0062 -0.0013 8  A A N7    
171 C C5    . A A 8  ? 0.3266 0.3697 0.4177 -0.0044 -0.0104 -0.0015 8  A A C5    
172 C C6    . A A 8  ? 0.3738 0.4149 0.4697 -0.0013 -0.0138 0.0025  8  A A C6    
173 N N6    . A A 8  ? 0.4003 0.4341 0.4881 0.0015  -0.0133 0.0074  8  A A N6    
174 N N1    . A A 8  ? 0.3394 0.3864 0.4487 -0.0012 -0.0176 0.0010  8  A A N1    
175 C C2    . A A 8  ? 0.3486 0.4029 0.4660 -0.0041 -0.0180 -0.0041 8  A A C2    
176 N N3    . A A 8  ? 0.3746 0.4313 0.4885 -0.0071 -0.0152 -0.0080 8  A A N3    
177 C C4    . A A 8  ? 0.3112 0.3620 0.4118 -0.0071 -0.0114 -0.0065 8  A A C4    
178 P P     . C A 9  ? 0.3708 0.4204 0.4449 -0.0195 -0.0207 -0.0127 9  C A P     
179 O OP1   . C A 9  ? 0.4066 0.4606 0.4835 -0.0226 -0.0237 -0.0161 9  C A OP1   
180 O OP2   . C A 9  ? 0.3840 0.4240 0.4408 -0.0185 -0.0196 -0.0082 9  C A OP2   
181 O "O5'" . C A 9  ? 0.3789 0.4295 0.4639 -0.0162 -0.0240 -0.0099 9  C A "O5'" 
182 C "C5'" . C A 9  ? 0.3622 0.4208 0.4637 -0.0163 -0.0267 -0.0126 9  C A "C5'" 
183 C "C4'" . C A 9  ? 0.3656 0.4222 0.4719 -0.0133 -0.0309 -0.0086 9  C A "C4'" 
184 O "O4'" . C A 9  ? 0.3463 0.4009 0.4549 -0.0101 -0.0283 -0.0060 9  C A "O4'" 
185 C "C3'" . C A 9  ? 0.3661 0.4144 0.4590 -0.0129 -0.0345 -0.0039 9  C A "C3'" 
186 O "O3'" . C A 9  ? 0.4487 0.4987 0.5419 -0.0151 -0.0388 -0.0052 9  C A "O3'" 
187 C "C2'" . C A 9  ? 0.3457 0.3912 0.4429 -0.0090 -0.0364 0.0006  9  C A "C2'" 
188 O "O2'" . C A 9  ? 0.4009 0.4521 0.5123 -0.0085 -0.0405 -0.0004 9  C A "O2'" 
189 C "C1'" . C A 9  ? 0.3566 0.4044 0.4594 -0.0074 -0.0313 -0.0005 9  C A "C1'" 
190 N N1    . C A 9  ? 0.3394 0.3793 0.4283 -0.0061 -0.0279 0.0029  9  C A N1    
191 C C2    . C A 9  ? 0.3216 0.3548 0.4054 -0.0030 -0.0297 0.0084  9  C A C2    
192 O O2    . C A 9  ? 0.3633 0.3975 0.4541 -0.0016 -0.0342 0.0101  9  C A O2    
193 N N3    . C A 9  ? 0.3573 0.3834 0.4287 -0.0016 -0.0267 0.0117  9  C A N3    
194 C C4    . C A 9  ? 0.3957 0.4211 0.4599 -0.0032 -0.0220 0.0096  9  C A C4    
195 N N4    . C A 9  ? 0.4205 0.4386 0.4727 -0.0017 -0.0191 0.0132  9  C A N4    
196 C C5    . C A 9  ? 0.3643 0.3964 0.4335 -0.0064 -0.0201 0.0040  9  C A C5    
197 C C6    . C A 9  ? 0.3214 0.3607 0.4030 -0.0078 -0.0231 0.0008  9  C A C6    
198 P P     . G A 10 ? 0.4510 0.4940 0.5266 -0.0171 -0.0402 -0.0033 10 G A P     
199 O OP1   . G A 10 ? 0.5577 0.6058 0.6382 -0.0199 -0.0435 -0.0066 10 G A OP1   
200 O OP2   . G A 10 ? 0.4138 0.4522 0.4763 -0.0178 -0.0353 -0.0031 10 G A OP2   
201 O "O5'" . G A 10 ? 0.4575 0.4932 0.5270 -0.0142 -0.0441 0.0027  10 G A "O5'" 
202 C "C5'" . G A 10 ? 0.5042 0.5428 0.5850 -0.0126 -0.0486 0.0039  10 G A "C5'" 
203 C "C4'" . G A 10 ? 0.4841 0.5151 0.5579 -0.0095 -0.0511 0.0099  10 G A "C4'" 
204 O "O4'" . G A 10 ? 0.4725 0.5017 0.5477 -0.0067 -0.0475 0.0118  10 G A "O4'" 
205 C "C3'" . G A 10 ? 0.5047 0.5265 0.5596 -0.0101 -0.0519 0.0135  10 G A "C3'" 
206 O "O3'" . G A 10 ? 0.5418 0.5627 0.5931 -0.0119 -0.0567 0.0138  10 G A "O3'" 
207 C "C2'" . G A 10 ? 0.5008 0.5160 0.5512 -0.0064 -0.0519 0.0189  10 G A "C2'" 
208 O "O2'" . G A 10 ? 0.5688 0.5845 0.6263 -0.0046 -0.0569 0.0214  10 G A "O2'" 
209 C "C1'" . G A 10 ? 0.4358 0.4555 0.4965 -0.0048 -0.0476 0.0171  10 G A "C1'" 
210 N N9    . G A 10 ? 0.3660 0.3825 0.4168 -0.0053 -0.0421 0.0167  10 G A N9    
211 C C8    . G A 10 ? 0.3123 0.3332 0.3645 -0.0078 -0.0381 0.0121  10 G A C8    
212 N N7    . G A 10 ? 0.3425 0.3584 0.3837 -0.0075 -0.0338 0.0134  10 G A N7    
213 C C5    . G A 10 ? 0.3374 0.3454 0.3698 -0.0048 -0.0351 0.0190  10 G A C5    
214 C C6    . G A 10 ? 0.3557 0.3558 0.3750 -0.0032 -0.0321 0.0227  10 G A C6    
215 O O6    . G A 10 ? 0.3806 0.3791 0.3930 -0.0040 -0.0275 0.0217  10 G A O6    
216 N N1    . G A 10 ? 0.3613 0.3550 0.3756 -0.0005 -0.0351 0.0280  10 G A N1    
217 C C2    . G A 10 ? 0.3575 0.3521 0.3782 0.0006  -0.0403 0.0297  10 G A C2    
218 N N2    . G A 10 ? 0.4201 0.4075 0.4339 0.0033  -0.0426 0.0352  10 G A N2    
219 N N3    . G A 10 ? 0.4374 0.4392 0.4705 -0.0008 -0.0432 0.0264  10 G A N3    
220 C C4    . G A 10 ? 0.3701 0.3783 0.4084 -0.0034 -0.0403 0.0211  10 G A C4    
221 P P     . A A 11 ? 0.5608 0.4948 0.5823 -0.0074 -0.1262 -0.0114 11 A A P     
222 O OP1   . A A 11 ? 0.6529 0.5893 0.6889 -0.0084 -0.1349 -0.0192 11 A A OP1   
223 O OP2   . A A 11 ? 0.4941 0.4336 0.5149 -0.0085 -0.1081 -0.0080 11 A A OP2   
224 O "O5'" . A A 11 ? 0.6247 0.5398 0.6175 -0.0099 -0.1340 -0.0069 11 A A "O5'" 
225 C "C5'" . A A 11 ? 0.7259 0.6323 0.7150 -0.0108 -0.1508 -0.0103 11 A A "C5'" 
226 C "C4'" . A A 11 ? 0.7662 0.6547 0.7265 -0.0136 -0.1559 -0.0056 11 A A "C4'" 
227 O "O4'" . A A 11 ? 0.9228 0.8066 0.8783 -0.0112 -0.1690 -0.0039 11 A A "O4'" 
228 C "C3'" . A A 11 ? 0.7623 0.6455 0.7036 -0.0152 -0.1424 0.0016  11 A A "C3'" 
229 O "O3'" . A A 11 ? 0.6296 0.4966 0.5470 -0.0194 -0.1454 0.0035  11 A A "O3'" 
230 C "C2'" . A A 11 ? 0.9323 0.8156 0.8686 -0.0116 -0.1449 0.0068  11 A A "C2'" 
231 O "O2'" . A A 11 ? 0.9868 0.8598 0.8991 -0.0130 -0.1389 0.0142  11 A A "O2'" 
232 C "C1'" . A A 11 ? 0.9960 0.8741 0.9336 -0.0105 -0.1638 0.0036  11 A A "C1'" 
233 N N9    . A A 11 ? 1.0287 0.9141 0.9768 -0.0058 -0.1689 0.0046  11 A A N9    
234 C C8    . A A 11 ? 1.0411 0.9332 0.9905 -0.0029 -0.1599 0.0096  11 A A C8    
235 N N7    . A A 11 ? 1.0628 0.9606 1.0231 0.0010  -0.1678 0.0090  11 A A N7    
236 C C5    . A A 11 ? 1.0342 0.9287 1.0006 0.0006  -0.1832 0.0034  11 A A C5    
237 C C6    . A A 11 ? 0.9924 0.8901 0.9710 0.0036  -0.1973 0.0002  11 A A C6    
238 N N6    . A A 11 ? 0.9695 0.8744 0.9564 0.0077  -0.1982 0.0022  11 A A N6    
239 N N1    . A A 11 ? 1.0001 0.8930 0.9822 0.0020  -0.2105 -0.0051 11 A A N1    
240 C C2    . A A 11 ? 0.9977 0.8835 0.9716 -0.0022 -0.2094 -0.0071 11 A A C2    
241 N N3    . A A 11 ? 0.9978 0.8800 0.9598 -0.0053 -0.1968 -0.0046 11 A A N3    
242 C C4    . A A 11 ? 1.0213 0.9082 0.9803 -0.0036 -0.1840 0.0007  11 A A C4    
243 P P     . C A 12 ? 0.6260 0.4898 0.5346 -0.0236 -0.1318 0.0043  12 C A P     
244 O OP1   . C A 12 ? 0.6937 0.5410 0.5805 -0.0279 -0.1386 0.0048  12 C A OP1   
245 O OP2   . C A 12 ? 0.6116 0.4897 0.5448 -0.0230 -0.1252 -0.0014 12 C A OP2   
246 O "O5'" . C A 12 ? 0.5968 0.4617 0.4954 -0.0228 -0.1172 0.0120  12 C A "O5'" 
247 C "C5'" . C A 12 ? 0.5717 0.4231 0.4444 -0.0240 -0.1175 0.0186  12 C A "C5'" 
248 C "C4'" . C A 12 ? 0.5608 0.4159 0.4282 -0.0233 -0.1015 0.0249  12 C A "C4'" 
249 O "O4'" . C A 12 ? 0.5168 0.3838 0.3986 -0.0186 -0.1001 0.0263  12 C A "O4'" 
250 C "C3'" . C A 12 ? 0.4715 0.3343 0.3479 -0.0252 -0.0860 0.0236  12 C A "C3'" 
251 O "O3'" . C A 12 ? 0.5687 0.4201 0.4271 -0.0298 -0.0815 0.0248  12 C A "O3'" 
252 C "C2'" . C A 12 ? 0.4839 0.3551 0.3634 -0.0225 -0.0734 0.0292  12 C A "C2'" 
253 O "O2'" . C A 12 ? 0.5265 0.3861 0.3814 -0.0240 -0.0688 0.0364  12 C A "O2'" 
254 C "C1'" . C A 12 ? 0.5059 0.3836 0.3970 -0.0181 -0.0836 0.0283  12 C A "C1'" 
255 N N1    . C A 12 ? 0.4687 0.3626 0.3883 -0.0155 -0.0832 0.0224  12 C A N1    
256 C C2    . C A 12 ? 0.3971 0.3043 0.3305 -0.0141 -0.0689 0.0235  12 C A C2    
257 O O2    . C A 12 ? 0.4305 0.3356 0.3524 -0.0151 -0.0568 0.0294  12 C A O2    
258 N N3    . C A 12 ? 0.3851 0.3071 0.3444 -0.0118 -0.0688 0.0181  12 C A N3    
259 C C4    . C A 12 ? 0.3940 0.3178 0.3654 -0.0107 -0.0820 0.0118  12 C A C4    
260 N N4    . C A 12 ? 0.4501 0.3889 0.4473 -0.0084 -0.0811 0.0066  12 C A N4    
261 C C5    . C A 12 ? 0.4709 0.3815 0.4289 -0.0121 -0.0969 0.0105  12 C A C5    
262 C C6    . C A 12 ? 0.4745 0.3705 0.4067 -0.0145 -0.0970 0.0159  12 C A C6    
263 P P     . C A 13 ? 0.5569 0.4132 0.4249 -0.0329 -0.0719 0.0205  13 C A P     
264 O OP1   . C A 13 ? 0.6093 0.4504 0.4541 -0.0376 -0.0707 0.0224  13 C A OP1   
265 O OP2   . C A 13 ? 0.5434 0.4092 0.4344 -0.0317 -0.0795 0.0126  13 C A OP2   
266 O "O5'" . C A 13 ? 0.4740 0.3421 0.3514 -0.0315 -0.0541 0.0240  13 C A "O5'" 
267 C "C5'" . C A 13 ? 0.4627 0.3254 0.3226 -0.0320 -0.0440 0.0318  13 C A "C5'" 
268 C "C4'" . C A 13 ? 0.4238 0.3004 0.2978 -0.0300 -0.0291 0.0341  13 C A "C4'" 
269 O "O4'" . C A 13 ? 0.4156 0.3043 0.3084 -0.0255 -0.0339 0.0324  13 C A "O4'" 
270 C "C3'" . C A 13 ? 0.4301 0.3162 0.3199 -0.0318 -0.0189 0.0298  13 C A "C3'" 
271 O "O3'" . C A 13 ? 0.4700 0.3479 0.3447 -0.0358 -0.0091 0.0324  13 C A "O3'" 
272 C "C2'" . C A 13 ? 0.4378 0.3400 0.3463 -0.0283 -0.0095 0.0311  13 C A "C2'" 
273 O "O2'" . C A 13 ? 0.4430 0.3435 0.3395 -0.0285 0.0033  0.0387  13 C A "O2'" 
274 C "C1'" . C A 13 ? 0.4051 0.3095 0.3190 -0.0243 -0.0223 0.0306  13 C A "C1'" 
275 N N1    . C A 13 ? 0.3876 0.3018 0.3243 -0.0223 -0.0312 0.0229  13 C A N1    
276 C C2    . C A 13 ? 0.3358 0.2667 0.2959 -0.0202 -0.0230 0.0206  13 C A C2    
277 O O2    . C A 13 ? 0.3677 0.3038 0.3280 -0.0202 -0.0090 0.0249  13 C A O2    
278 N N3    . C A 13 ? 0.3289 0.2692 0.3104 -0.0183 -0.0309 0.0138  13 C A N3    
279 C C4    . C A 13 ? 0.3585 0.2924 0.3391 -0.0186 -0.0461 0.0092  13 C A C4    
280 N N4    . C A 13 ? 0.3618 0.3057 0.3647 -0.0167 -0.0531 0.0025  13 C A N4    
281 C C5    . C A 13 ? 0.3725 0.2892 0.3294 -0.0209 -0.0550 0.0114  13 C A C5    
282 C C6    . C A 13 ? 0.3755 0.2831 0.3112 -0.0227 -0.0468 0.0183  13 C A C6    
283 P P     . C A 14 ? 0.5053 0.3861 0.3892 -0.0392 -0.0037 0.0269  14 C A P     
284 O OP1   . C A 14 ? 0.5535 0.4226 0.4160 -0.0432 0.0050  0.0312  14 C A OP1   
285 O OP2   . C A 14 ? 0.4810 0.3624 0.3756 -0.0392 -0.0173 0.0194  14 C A OP2   
286 O "O5'" . C A 14 ? 0.4459 0.3444 0.3525 -0.0372 0.0095  0.0263  14 C A "O5'" 
287 C "C5'" . C A 14 ? 0.4105 0.3126 0.3131 -0.0368 0.0239  0.0329  14 C A "C5'" 
288 C "C4'" . C A 14 ? 0.4038 0.3239 0.3308 -0.0345 0.0334  0.0313  14 C A "C4'" 
289 O "O4'" . C A 14 ? 0.4231 0.3521 0.3653 -0.0302 0.0242  0.0288  14 C A "O4'" 
290 C "C3'" . C A 14 ? 0.4217 0.3498 0.3659 -0.0362 0.0371  0.0247  14 C A "C3'" 
291 O "O3'" . C A 14 ? 0.4402 0.3655 0.3775 -0.0398 0.0500  0.0268  14 C A "O3'" 
292 C "C2'" . C A 14 ? 0.4034 0.3497 0.3733 -0.0325 0.0405  0.0226  14 C A "C2'" 
293 O "O2'" . C A 14 ? 0.4612 0.4147 0.4332 -0.0320 0.0557  0.0280  14 C A "O2'" 
294 C "C1'" . C A 14 ? 0.4372 0.3819 0.4054 -0.0289 0.0282  0.0235  14 C A "C1'" 
295 N N1    . C A 14 ? 0.3973 0.3437 0.3773 -0.0277 0.0134  0.0163  14 C A N1    
296 C C2    . C A 14 ? 0.3494 0.3115 0.3557 -0.0252 0.0134  0.0113  14 C A C2    
297 O O2    . C A 14 ? 0.4083 0.3822 0.4263 -0.0243 0.0263  0.0131  14 C A O2    
298 N N3    . C A 14 ? 0.3800 0.3435 0.3972 -0.0239 -0.0002 0.0049  14 C A N3    
299 C C4    . C A 14 ? 0.3915 0.3419 0.3950 -0.0252 -0.0133 0.0035  14 C A C4    
300 N N4    . C A 14 ? 0.4007 0.3529 0.4158 -0.0240 -0.0268 -0.0028 14 C A N4    
301 C C5    . C A 14 ? 0.3936 0.3275 0.3698 -0.0280 -0.0138 0.0085  14 C A C5    
302 C C6    . C A 14 ? 0.3841 0.3166 0.3496 -0.0290 -0.0001 0.0148  14 C A C6    
303 P P     . C A 15 ? 0.4637 0.3887 0.4075 -0.0432 0.0502  0.0203  15 C A P     
304 O OP1   . C A 15 ? 0.5204 0.4402 0.4519 -0.0468 0.0641  0.0244  15 C A OP1   
305 O OP2   . C A 15 ? 0.5204 0.4361 0.4589 -0.0439 0.0340  0.0155  15 C A OP2   
306 O "O5'" . C A 15 ? 0.4186 0.3622 0.3921 -0.0409 0.0540  0.0152  15 C A "O5'" 
307 C "C5'" . C A 15 ? 0.3686 0.3241 0.3528 -0.0402 0.0692  0.0184  15 C A "C5'" 
308 C "C4'" . C A 15 ? 0.3252 0.2976 0.3372 -0.0379 0.0702  0.0129  15 C A "C4'" 
309 O "O4'" . C A 15 ? 0.3092 0.2863 0.3303 -0.0339 0.0585  0.0109  15 C A "O4'" 
310 C "C3'" . C A 15 ? 0.3341 0.3088 0.3581 -0.0398 0.0661  0.0051  15 C A "C3'" 
311 O "O3'" . C A 15 ? 0.3667 0.3421 0.3907 -0.0431 0.0783  0.0051  15 C A "O3'" 
312 C "C2'" . C A 15 ? 0.3135 0.3040 0.3634 -0.0361 0.0627  0.0003  15 C A "C2'" 
313 O "O2'" . C A 15 ? 0.3198 0.3241 0.3843 -0.0355 0.0772  0.0018  15 C A "O2'" 
314 C "C1'" . C A 15 ? 0.3052 0.2936 0.3497 -0.0327 0.0540  0.0034  15 C A "C1'" 
315 N N1    . C A 15 ? 0.3303 0.3115 0.3726 -0.0319 0.0366  -0.0012 15 C A N1    
316 C C2    . C A 15 ? 0.2743 0.2663 0.3390 -0.0297 0.0294  -0.0080 15 C A C2    
317 O O2    . C A 15 ? 0.3598 0.3662 0.4447 -0.0286 0.0375  -0.0101 15 C A O2    
318 N N3    . C A 15 ? 0.3567 0.3425 0.4203 -0.0290 0.0132  -0.0122 15 C A N3    
319 C C4    . C A 15 ? 0.3046 0.2745 0.3457 -0.0306 0.0050  -0.0096 15 C A C4    
320 N N4    . C A 15 ? 0.4161 0.3803 0.4567 -0.0300 -0.0111 -0.0138 15 C A N4    
321 C C5    . C A 15 ? 0.3722 0.3309 0.3898 -0.0329 0.0124  -0.0027 15 C A C5    
322 C C6    . C A 15 ? 0.3782 0.3431 0.3974 -0.0335 0.0284  0.0014  15 C A C6    
323 P P     . A A 16 ? 0.3723 0.3405 0.3936 -0.0467 0.0732  -0.0007 16 A A P     
324 O OP1   . A A 16 ? 0.4472 0.4154 0.4652 -0.0502 0.0882  0.0014  16 A A OP1   
325 O OP2   . A A 16 ? 0.3751 0.3285 0.3796 -0.0476 0.0589  -0.0019 16 A A OP2   
326 O "O5'" . A A 16 ? 0.3116 0.2934 0.3598 -0.0447 0.0682  -0.0086 16 A A "O5'" 
327 C "C5'" . A A 16 ? 0.2935 0.2915 0.3628 -0.0437 0.0795  -0.0096 16 A A "C5'" 
328 C "C4'" . A A 16 ? 0.2765 0.2861 0.3696 -0.0413 0.0716  -0.0170 16 A A "C4'" 
329 O "O4'" . A A 16 ? 0.2843 0.2940 0.3789 -0.0377 0.0595  -0.0172 16 A A "O4'" 
330 C "C3'" . A A 16 ? 0.2636 0.2686 0.3596 -0.0435 0.0626  -0.0240 16 A A "C3'" 
331 O "O3'" . A A 16 ? 0.2570 0.2669 0.3613 -0.0461 0.0727  -0.0265 16 A A "O3'" 
332 C "C2'" . A A 16 ? 0.2514 0.2652 0.3664 -0.0399 0.0510  -0.0296 16 A A "C2'" 
333 O "O2'" . A A 16 ? 0.2409 0.2720 0.3804 -0.0383 0.0590  -0.0323 16 A A "O2'" 
334 C "C1'" . A A 16 ? 0.3030 0.3143 0.4096 -0.0369 0.0466  -0.0246 16 A A "C1'" 
335 N N9    . A A 16 ? 0.2704 0.2671 0.3592 -0.0373 0.0324  -0.0242 16 A A N9    
336 C C8    . A A 16 ? 0.2910 0.2729 0.3543 -0.0388 0.0313  -0.0185 16 A A C8    
337 N N7    . A A 16 ? 0.3247 0.2965 0.3780 -0.0385 0.0165  -0.0199 16 A A N7    
338 C C5    . A A 16 ? 0.3159 0.2966 0.3904 -0.0365 0.0075  -0.0271 16 A A C5    
339 C C6    . A A 16 ? 0.3380 0.3151 0.4155 -0.0352 -0.0091 -0.0317 16 A A C6    
340 N N6    . A A 16 ? 0.3355 0.2985 0.3941 -0.0359 -0.0201 -0.0297 16 A A N6    
341 N N1    . A A 16 ? 0.3092 0.2977 0.4104 -0.0334 -0.0141 -0.0384 16 A A N1    
342 C C2    . A A 16 ? 0.3220 0.3249 0.4425 -0.0329 -0.0031 -0.0405 16 A A C2    
343 N N3    . A A 16 ? 0.2936 0.3013 0.4133 -0.0340 0.0131  -0.0365 16 A A N3    
344 C C4    . A A 16 ? 0.2997 0.2958 0.3959 -0.0357 0.0172  -0.0298 16 A A C4    
# 
